data_7NQU
#
_entry.id   7NQU
#
_cell.length_a   79.89
_cell.length_b   102.45
_cell.length_c   103.69
_cell.angle_alpha   90
_cell.angle_beta   90
_cell.angle_gamma   90
#
_symmetry.space_group_name_H-M   'P 21 21 21'
#
loop_
_entity.id
_entity.type
_entity.pdbx_description
1 polymer 'Heat shock protein 70'
2 non-polymer GLYCEROL
3 non-polymer 'AMP PHOSPHORAMIDATE'
4 non-polymer 'TETRAETHYLENE GLYCOL'
5 non-polymer 'PHOSPHATE ION'
6 non-polymer 'CHLORIDE ION'
7 non-polymer ~{N}-(cyclobutylmethyl)-1,5-dimethyl-pyrazole-4-carboxamide
8 water water
#
_entity_poly.entity_id   1
_entity_poly.type   'polypeptide(L)'
_entity_poly.pdbx_seq_one_letter_code
;GPAEESEVAIGIDLGTTYSCVGICRNGVVDIIANDQGNRTTPSYVAFTDTERLIGDAAKNQASRNPENTVFDAKRLIGRK
FSETTVQSDMKHWPFTVKGGSDGKPMIEVSYQGEKKTFHPEEISSMVLKKMKEVAETYLGKPVKNAVITVPAYFNDSQRQ
ATKDAGAIAGLNVLRIINEPTAAAIAYGLDKKGKGEQNILIFDLGGGTFDVSLLTLEDGIFEVKATSGDTHLGGEDFDNK
LVNFCVQDFKKKNGGKDVSKNSKSLRRLRTQCEKAKRVLSSSAQATIEVDSLFDGIDYNVNITRAKFEELCMDQFRNTLI
PVEKVLKDAKMDKSQVHEIVLVGGSTRIPKIQQLIKDFFNGKEP(CSX)KAINPDEAVAYGAAVQAAILSGDQSSAV
;
_entity_poly.pdbx_strand_id   A,B
#
# COMPACT_ATOMS: atom_id res chain seq x y z
N GLU A 7 6.82 -15.55 -28.33
CA GLU A 7 5.87 -16.59 -27.89
C GLU A 7 6.37 -17.35 -26.66
N VAL A 8 7.69 -17.55 -26.53
CA VAL A 8 8.26 -18.23 -25.38
C VAL A 8 8.23 -17.27 -24.19
N ALA A 9 7.62 -17.67 -23.07
CA ALA A 9 7.56 -16.81 -21.89
C ALA A 9 8.19 -17.49 -20.66
N ILE A 10 9.05 -16.75 -19.94
CA ILE A 10 9.77 -17.17 -18.74
C ILE A 10 9.23 -16.49 -17.49
N GLY A 11 9.48 -17.10 -16.35
CA GLY A 11 9.14 -16.48 -15.07
C GLY A 11 10.43 -16.11 -14.38
N ILE A 12 10.52 -14.90 -13.85
CA ILE A 12 11.74 -14.43 -13.19
C ILE A 12 11.44 -13.95 -11.80
N ASP A 13 12.14 -14.53 -10.81
CA ASP A 13 12.14 -14.03 -9.45
C ASP A 13 13.35 -13.07 -9.41
N LEU A 14 13.08 -11.76 -9.35
CA LEU A 14 14.13 -10.75 -9.25
C LEU A 14 14.30 -10.50 -7.76
N GLY A 15 15.18 -11.28 -7.13
CA GLY A 15 15.36 -11.23 -5.68
C GLY A 15 16.32 -10.17 -5.18
N THR A 16 16.28 -9.89 -3.88
CA THR A 16 17.14 -8.86 -3.25
C THR A 16 18.61 -9.28 -3.38
N THR A 17 18.91 -10.56 -3.08
CA THR A 17 20.26 -11.09 -3.06
C THR A 17 20.49 -12.08 -4.22
N TYR A 18 19.47 -12.94 -4.56
CA TYR A 18 19.55 -13.91 -5.67
C TYR A 18 18.33 -13.84 -6.56
N SER A 19 18.51 -14.07 -7.86
CA SER A 19 17.46 -14.11 -8.85
C SER A 19 17.38 -15.55 -9.45
N CYS A 20 16.23 -15.91 -10.02
CA CYS A 20 16.00 -17.25 -10.51
C CYS A 20 15.08 -17.16 -11.73
N VAL A 21 15.33 -17.99 -12.75
CA VAL A 21 14.52 -17.98 -13.95
C VAL A 21 13.98 -19.41 -14.22
N GLY A 22 12.69 -19.48 -14.49
CA GLY A 22 12.06 -20.76 -14.80
C GLY A 22 11.28 -20.70 -16.08
N ILE A 23 11.01 -21.86 -16.65
CA ILE A 23 10.18 -21.97 -17.81
C ILE A 23 9.19 -23.14 -17.62
N CYS A 24 7.93 -22.88 -17.94
CA CYS A 24 6.88 -23.89 -17.83
C CYS A 24 6.45 -24.26 -19.23
N ARG A 25 6.73 -25.50 -19.65
CA ARG A 25 6.39 -25.99 -20.97
C ARG A 25 5.75 -27.36 -20.81
N ASN A 26 4.61 -27.57 -21.47
CA ASN A 26 3.93 -28.85 -21.38
C ASN A 26 3.55 -29.24 -19.96
N GLY A 27 3.22 -28.27 -19.16
CA GLY A 27 2.78 -28.49 -17.79
C GLY A 27 3.89 -28.71 -16.80
N VAL A 28 5.14 -28.70 -17.24
CA VAL A 28 6.26 -29.00 -16.38
C VAL A 28 7.16 -27.76 -16.27
N VAL A 29 7.68 -27.50 -15.07
CA VAL A 29 8.52 -26.35 -14.85
C VAL A 29 9.97 -26.72 -14.72
N ASP A 30 10.83 -26.20 -15.59
CA ASP A 30 12.27 -26.31 -15.47
C ASP A 30 12.86 -24.99 -14.92
N ILE A 31 13.62 -25.05 -13.79
CA ILE A 31 14.38 -23.94 -13.26
C ILE A 31 15.73 -24.00 -13.98
N ILE A 32 16.14 -22.93 -14.64
CA ILE A 32 17.29 -22.92 -15.51
C ILE A 32 18.61 -22.53 -14.84
N ALA A 33 19.59 -23.43 -14.88
CA ALA A 33 20.94 -23.22 -14.35
C ALA A 33 21.70 -22.22 -15.23
N ASN A 34 22.52 -21.40 -14.61
CA ASN A 34 23.34 -20.41 -15.32
C ASN A 34 24.67 -21.07 -15.79
N ASP A 35 25.60 -20.25 -16.33
CA ASP A 35 26.91 -20.69 -16.83
C ASP A 35 27.73 -21.49 -15.85
N GLN A 36 27.59 -21.20 -14.55
CA GLN A 36 28.35 -21.94 -13.53
C GLN A 36 27.61 -23.17 -12.98
N GLY A 37 26.45 -23.51 -13.56
CA GLY A 37 25.62 -24.61 -13.10
C GLY A 37 24.77 -24.23 -11.90
N ASN A 38 24.66 -22.92 -11.57
CA ASN A 38 23.89 -22.49 -10.41
C ASN A 38 22.44 -22.19 -10.81
N ARG A 39 21.48 -22.75 -10.04
CA ARG A 39 20.04 -22.63 -10.31
C ARG A 39 19.45 -21.25 -9.89
N THR A 40 20.25 -20.46 -9.13
CA THR A 40 19.99 -19.07 -8.75
C THR A 40 21.27 -18.25 -9.05
N THR A 41 21.10 -16.95 -9.30
CA THR A 41 22.19 -16.07 -9.71
C THR A 41 22.19 -14.87 -8.85
N PRO A 42 23.34 -14.50 -8.25
CA PRO A 42 23.37 -13.29 -7.42
C PRO A 42 22.87 -12.04 -8.16
N SER A 43 22.07 -11.21 -7.46
CA SER A 43 21.54 -9.94 -8.01
C SER A 43 22.63 -8.86 -7.81
N TYR A 44 23.81 -9.11 -8.40
CA TYR A 44 25.00 -8.30 -8.28
C TYR A 44 25.47 -7.85 -9.66
N VAL A 45 25.94 -6.61 -9.74
CA VAL A 45 26.50 -6.02 -10.94
C VAL A 45 27.81 -5.32 -10.54
N ALA A 46 28.93 -5.67 -11.16
CA ALA A 46 30.21 -5.05 -10.85
C ALA A 46 30.83 -4.40 -12.07
N PHE A 47 31.57 -3.32 -11.84
CA PHE A 47 32.25 -2.59 -12.89
C PHE A 47 33.72 -2.56 -12.56
N THR A 48 34.58 -2.98 -13.51
CA THR A 48 36.03 -3.03 -13.32
C THR A 48 36.72 -2.08 -14.34
N ASP A 49 38.07 -2.06 -14.38
CA ASP A 49 38.82 -1.28 -15.34
C ASP A 49 38.56 -1.77 -16.79
N THR A 50 38.16 -3.05 -16.96
CA THR A 50 37.94 -3.62 -18.29
C THR A 50 36.52 -4.07 -18.60
N GLU A 51 35.76 -4.59 -17.60
CA GLU A 51 34.47 -5.18 -17.91
C GLU A 51 33.33 -4.95 -16.89
N ARG A 52 32.10 -5.26 -17.33
CA ARG A 52 30.88 -5.21 -16.53
C ARG A 52 30.49 -6.66 -16.23
N LEU A 53 30.56 -7.07 -14.96
CA LEU A 53 30.25 -8.41 -14.52
C LEU A 53 28.86 -8.48 -13.91
N ILE A 54 28.12 -9.57 -14.17
CA ILE A 54 26.78 -9.73 -13.62
C ILE A 54 26.66 -11.14 -13.05
N GLY A 55 26.05 -11.25 -11.88
CA GLY A 55 25.82 -12.54 -11.26
C GLY A 55 26.97 -13.07 -10.46
N ASP A 56 27.28 -14.35 -10.67
CA ASP A 56 28.34 -15.03 -9.95
C ASP A 56 29.69 -14.33 -10.05
N ALA A 57 30.09 -13.92 -11.26
CA ALA A 57 31.37 -13.24 -11.46
C ALA A 57 31.42 -11.92 -10.68
N ALA A 58 30.28 -11.20 -10.57
CA ALA A 58 30.21 -9.95 -9.82
C ALA A 58 30.30 -10.22 -8.31
N LYS A 59 29.55 -11.21 -7.80
CA LYS A 59 29.61 -11.53 -6.38
C LYS A 59 30.99 -12.06 -5.98
N ASN A 60 31.65 -12.83 -6.86
CA ASN A 60 32.92 -13.44 -6.55
C ASN A 60 34.05 -12.43 -6.32
N GLN A 61 34.03 -11.29 -7.03
CA GLN A 61 35.06 -10.28 -6.85
C GLN A 61 34.60 -9.11 -5.94
N ALA A 62 33.46 -9.23 -5.24
CA ALA A 62 32.94 -8.15 -4.40
C ALA A 62 33.90 -7.66 -3.34
N SER A 63 34.60 -8.57 -2.65
CA SER A 63 35.52 -8.17 -1.59
C SER A 63 36.78 -7.49 -2.11
N ARG A 64 37.17 -7.75 -3.38
CA ARG A 64 38.32 -7.11 -4.03
C ARG A 64 37.97 -5.77 -4.68
N ASN A 65 36.68 -5.53 -4.95
CA ASN A 65 36.24 -4.30 -5.63
C ASN A 65 34.93 -3.80 -4.95
N PRO A 66 34.95 -3.54 -3.62
CA PRO A 66 33.71 -3.19 -2.91
C PRO A 66 32.98 -1.95 -3.42
N GLU A 67 33.72 -0.93 -3.78
CA GLU A 67 33.16 0.34 -4.21
C GLU A 67 32.40 0.28 -5.51
N ASN A 68 32.80 -0.63 -6.41
CA ASN A 68 32.19 -0.75 -7.75
C ASN A 68 31.35 -2.02 -7.96
N THR A 69 30.98 -2.68 -6.86
CA THR A 69 30.16 -3.87 -6.91
C THR A 69 28.82 -3.49 -6.30
N VAL A 70 27.77 -3.45 -7.13
CA VAL A 70 26.44 -3.05 -6.72
C VAL A 70 25.57 -4.27 -6.42
N PHE A 71 24.81 -4.19 -5.34
CA PHE A 71 23.84 -5.19 -4.90
C PHE A 71 22.72 -4.45 -4.15
N ASP A 72 21.64 -5.16 -3.73
CA ASP A 72 20.53 -4.49 -3.00
C ASP A 72 19.82 -3.41 -3.79
N ALA A 73 19.93 -3.38 -5.12
CA ALA A 73 19.19 -2.36 -5.91
C ALA A 73 17.68 -2.51 -5.69
N LYS A 74 17.19 -3.71 -5.31
CA LYS A 74 15.77 -3.92 -5.00
C LYS A 74 15.33 -3.07 -3.79
N ARG A 75 16.24 -2.75 -2.87
CA ARG A 75 15.92 -1.86 -1.74
C ARG A 75 15.78 -0.41 -2.19
N LEU A 76 16.26 -0.05 -3.40
CA LEU A 76 16.21 1.33 -3.90
C LEU A 76 15.22 1.52 -5.03
N ILE A 77 14.88 0.45 -5.77
CA ILE A 77 14.04 0.55 -6.95
C ILE A 77 12.68 1.19 -6.66
N GLY A 78 12.35 2.23 -7.43
CA GLY A 78 11.10 2.94 -7.27
C GLY A 78 10.99 3.82 -6.04
N ARG A 79 12.10 4.01 -5.31
CA ARG A 79 12.09 4.86 -4.12
C ARG A 79 12.70 6.23 -4.43
N LYS A 80 12.29 7.26 -3.66
CA LYS A 80 12.92 8.56 -3.70
C LYS A 80 14.14 8.44 -2.77
N PHE A 81 15.26 9.06 -3.15
CA PHE A 81 16.48 9.01 -2.36
C PHE A 81 16.28 9.50 -0.93
N SER A 82 15.35 10.45 -0.72
CA SER A 82 15.08 11.03 0.59
C SER A 82 14.31 10.12 1.52
N GLU A 83 13.75 8.97 1.02
CA GLU A 83 12.98 8.06 1.88
C GLU A 83 13.82 7.57 3.06
N THR A 84 13.22 7.49 4.25
CA THR A 84 13.95 7.09 5.45
C THR A 84 14.53 5.72 5.34
N THR A 85 13.90 4.79 4.53
CA THR A 85 14.47 3.49 4.38
C THR A 85 15.81 3.58 3.64
N VAL A 86 15.96 4.50 2.67
CA VAL A 86 17.24 4.65 1.94
C VAL A 86 18.37 5.19 2.91
N GLN A 87 17.98 6.12 3.76
CA GLN A 87 18.89 6.74 4.76
C GLN A 87 19.43 5.68 5.69
N SER A 88 18.59 4.80 6.12
CA SER A 88 18.90 3.69 6.99
C SER A 88 19.72 2.58 6.31
N ASP A 89 19.29 2.17 5.09
CA ASP A 89 19.93 1.06 4.38
C ASP A 89 21.29 1.39 3.86
N MET A 90 21.56 2.66 3.53
CA MET A 90 22.83 3.01 2.88
C MET A 90 24.07 2.75 3.73
N LYS A 91 23.88 2.57 5.06
CA LYS A 91 24.99 2.24 5.95
C LYS A 91 25.59 0.88 5.61
N HIS A 92 24.81 -0.04 5.05
N HIS A 92 24.79 -0.07 5.06
CA HIS A 92 25.23 -1.39 4.69
CA HIS A 92 25.29 -1.39 4.70
C HIS A 92 25.87 -1.48 3.28
C HIS A 92 25.83 -1.49 3.26
N TRP A 93 25.95 -0.36 2.54
CA TRP A 93 26.48 -0.38 1.17
C TRP A 93 27.86 0.22 1.05
N PRO A 94 28.84 -0.54 0.51
CA PRO A 94 30.17 0.05 0.26
C PRO A 94 30.18 0.95 -0.98
N PHE A 95 29.17 0.87 -1.84
CA PHE A 95 29.06 1.71 -3.04
C PHE A 95 28.34 3.01 -2.70
N THR A 96 28.57 4.04 -3.52
CA THR A 96 28.01 5.35 -3.29
C THR A 96 26.65 5.53 -3.95
N VAL A 97 25.70 6.10 -3.21
CA VAL A 97 24.36 6.40 -3.71
C VAL A 97 24.09 7.86 -3.37
N LYS A 98 23.70 8.65 -4.37
CA LYS A 98 23.39 10.07 -4.21
C LYS A 98 22.01 10.33 -4.82
N GLY A 99 21.41 11.46 -4.50
CA GLY A 99 20.13 11.84 -5.05
C GLY A 99 20.25 12.72 -6.26
N GLY A 100 19.48 12.41 -7.28
CA GLY A 100 19.44 13.21 -8.49
C GLY A 100 18.51 14.39 -8.33
N SER A 101 18.46 15.29 -9.33
CA SER A 101 17.58 16.47 -9.26
C SER A 101 16.10 16.06 -9.27
N ASP A 102 15.78 14.92 -9.90
CA ASP A 102 14.43 14.35 -9.91
C ASP A 102 14.09 13.59 -8.61
N GLY A 103 15.02 13.53 -7.65
CA GLY A 103 14.85 12.83 -6.39
C GLY A 103 15.10 11.33 -6.46
N LYS A 104 15.48 10.80 -7.63
CA LYS A 104 15.73 9.39 -7.77
C LYS A 104 17.15 9.06 -7.32
N PRO A 105 17.35 7.87 -6.73
CA PRO A 105 18.71 7.46 -6.36
C PRO A 105 19.59 7.25 -7.60
N MET A 106 20.86 7.61 -7.48
CA MET A 106 21.87 7.45 -8.52
C MET A 106 22.99 6.66 -7.87
N ILE A 107 23.27 5.48 -8.38
CA ILE A 107 24.33 4.63 -7.87
C ILE A 107 25.59 4.99 -8.64
N GLU A 108 26.65 5.40 -7.93
CA GLU A 108 27.90 5.86 -8.55
C GLU A 108 29.02 4.87 -8.45
N VAL A 109 29.57 4.50 -9.59
CA VAL A 109 30.67 3.53 -9.69
C VAL A 109 31.74 4.06 -10.67
N SER A 110 32.90 3.41 -10.71
CA SER A 110 33.94 3.68 -11.67
C SER A 110 33.94 2.47 -12.64
N TYR A 111 33.87 2.75 -13.93
CA TYR A 111 33.85 1.73 -14.98
C TYR A 111 34.82 2.17 -16.08
N GLN A 112 35.90 1.38 -16.29
CA GLN A 112 36.93 1.70 -17.27
C GLN A 112 37.57 3.08 -17.02
N GLY A 113 37.87 3.37 -15.75
CA GLY A 113 38.50 4.64 -15.36
C GLY A 113 37.61 5.86 -15.44
N GLU A 114 36.29 5.66 -15.58
CA GLU A 114 35.35 6.77 -15.68
C GLU A 114 34.24 6.66 -14.64
N LYS A 115 33.83 7.81 -14.07
CA LYS A 115 32.72 7.83 -13.12
C LYS A 115 31.39 7.66 -13.88
N LYS A 116 30.59 6.65 -13.50
CA LYS A 116 29.29 6.36 -14.09
C LYS A 116 28.21 6.38 -13.01
N THR A 117 26.99 6.75 -13.38
CA THR A 117 25.86 6.75 -12.45
C THR A 117 24.71 5.93 -13.06
N PHE A 118 24.00 5.20 -12.23
CA PHE A 118 22.88 4.39 -12.67
C PHE A 118 21.68 4.54 -11.76
N HIS A 119 20.48 4.54 -12.33
CA HIS A 119 19.26 4.48 -11.54
C HIS A 119 19.12 3.01 -11.07
N PRO A 120 18.43 2.77 -9.95
CA PRO A 120 18.23 1.39 -9.47
C PRO A 120 17.64 0.46 -10.52
N GLU A 121 16.70 0.95 -11.36
CA GLU A 121 16.07 0.11 -12.40
C GLU A 121 17.04 -0.23 -13.53
N GLU A 122 18.12 0.54 -13.71
CA GLU A 122 19.15 0.22 -14.68
C GLU A 122 20.00 -0.92 -14.15
N ILE A 123 20.32 -0.93 -12.86
CA ILE A 123 21.06 -2.02 -12.25
C ILE A 123 20.20 -3.30 -12.30
N SER A 124 18.93 -3.18 -11.95
CA SER A 124 18.01 -4.34 -12.00
C SER A 124 17.80 -4.84 -13.42
N SER A 125 17.82 -3.95 -14.43
CA SER A 125 17.68 -4.36 -15.82
C SER A 125 18.87 -5.23 -16.25
N MET A 126 20.06 -4.99 -15.67
CA MET A 126 21.22 -5.81 -16.00
C MET A 126 21.09 -7.21 -15.41
N VAL A 127 20.50 -7.32 -14.21
CA VAL A 127 20.27 -8.63 -13.62
C VAL A 127 19.18 -9.35 -14.46
N LEU A 128 18.12 -8.64 -14.83
CA LEU A 128 17.06 -9.23 -15.65
C LEU A 128 17.60 -9.70 -17.00
N LYS A 129 18.49 -8.91 -17.62
CA LYS A 129 19.13 -9.23 -18.91
C LYS A 129 19.96 -10.49 -18.77
N LYS A 130 20.70 -10.63 -17.65
CA LYS A 130 21.45 -11.86 -17.38
C LYS A 130 20.50 -13.06 -17.27
N MET A 131 19.36 -12.93 -16.55
CA MET A 131 18.39 -14.02 -16.39
C MET A 131 17.76 -14.39 -17.73
N LYS A 132 17.47 -13.40 -18.58
CA LYS A 132 16.96 -13.57 -19.93
C LYS A 132 17.98 -14.38 -20.73
N GLU A 133 19.29 -14.03 -20.65
CA GLU A 133 20.36 -14.72 -21.37
C GLU A 133 20.57 -16.14 -20.87
N VAL A 134 20.39 -16.37 -19.57
CA VAL A 134 20.50 -17.71 -18.99
C VAL A 134 19.41 -18.61 -19.62
N ALA A 135 18.18 -18.09 -19.78
CA ALA A 135 17.07 -18.81 -20.38
C ALA A 135 17.33 -19.04 -21.87
N GLU A 136 17.86 -18.01 -22.56
CA GLU A 136 18.16 -18.07 -23.98
C GLU A 136 19.22 -19.08 -24.31
N THR A 137 20.25 -19.20 -23.48
CA THR A 137 21.32 -20.19 -23.71
C THR A 137 20.75 -21.59 -23.56
N TYR A 138 19.84 -21.80 -22.60
CA TYR A 138 19.23 -23.10 -22.37
C TYR A 138 18.28 -23.47 -23.51
N LEU A 139 17.43 -22.53 -23.93
CA LEU A 139 16.47 -22.79 -25.00
C LEU A 139 17.08 -22.78 -26.39
N GLY A 140 18.20 -22.10 -26.56
CA GLY A 140 18.83 -21.95 -27.87
C GLY A 140 18.04 -21.06 -28.79
N LYS A 141 17.15 -20.22 -28.22
CA LYS A 141 16.28 -19.32 -28.97
C LYS A 141 16.09 -18.01 -28.16
N PRO A 142 15.83 -16.88 -28.85
CA PRO A 142 15.56 -15.63 -28.12
C PRO A 142 14.25 -15.72 -27.32
N VAL A 143 14.22 -15.04 -26.17
CA VAL A 143 13.09 -14.98 -25.23
C VAL A 143 12.66 -13.54 -25.12
N LYS A 144 11.35 -13.25 -25.28
CA LYS A 144 10.88 -11.87 -25.21
C LYS A 144 9.89 -11.65 -24.09
N ASN A 145 9.06 -12.63 -23.77
CA ASN A 145 8.00 -12.45 -22.78
C ASN A 145 8.37 -12.97 -21.42
N ALA A 146 7.94 -12.28 -20.36
CA ALA A 146 8.27 -12.67 -19.01
C ALA A 146 7.24 -12.23 -18.02
N VAL A 147 7.10 -12.98 -16.93
CA VAL A 147 6.35 -12.55 -15.75
C VAL A 147 7.46 -12.30 -14.73
N ILE A 148 7.46 -11.12 -14.09
CA ILE A 148 8.44 -10.78 -13.05
C ILE A 148 7.66 -10.60 -11.72
N THR A 149 8.24 -11.07 -10.63
CA THR A 149 7.61 -11.01 -9.33
C THR A 149 8.15 -9.86 -8.49
N VAL A 150 7.33 -9.38 -7.57
CA VAL A 150 7.74 -8.33 -6.61
C VAL A 150 7.12 -8.68 -5.26
N PRO A 151 7.68 -8.15 -4.16
CA PRO A 151 7.05 -8.36 -2.84
C PRO A 151 5.64 -7.80 -2.84
N ALA A 152 4.74 -8.44 -2.10
CA ALA A 152 3.36 -7.99 -2.03
C ALA A 152 3.23 -6.54 -1.50
N TYR A 153 4.14 -6.07 -0.64
CA TYR A 153 4.04 -4.71 -0.08
C TYR A 153 4.57 -3.65 -1.08
N PHE A 154 5.23 -4.05 -2.22
CA PHE A 154 5.73 -3.08 -3.19
C PHE A 154 4.63 -2.15 -3.65
N ASN A 155 4.88 -0.86 -3.57
CA ASN A 155 3.91 0.15 -3.98
C ASN A 155 3.89 0.32 -5.49
N ASP A 156 3.01 1.19 -6.03
CA ASP A 156 2.91 1.41 -7.46
C ASP A 156 4.26 1.84 -8.07
N SER A 157 5.00 2.72 -7.39
CA SER A 157 6.26 3.22 -7.92
C SER A 157 7.29 2.11 -8.01
N GLN A 158 7.38 1.27 -6.99
CA GLN A 158 8.33 0.16 -6.97
C GLN A 158 7.98 -0.88 -8.03
N ARG A 159 6.68 -1.15 -8.24
CA ARG A 159 6.24 -2.10 -9.26
C ARG A 159 6.50 -1.55 -10.67
N GLN A 160 6.17 -0.27 -10.90
CA GLN A 160 6.39 0.34 -12.20
C GLN A 160 7.88 0.39 -12.55
N ALA A 161 8.76 0.70 -11.58
CA ALA A 161 10.20 0.72 -11.82
C ALA A 161 10.72 -0.71 -12.13
N THR A 162 10.14 -1.73 -11.49
CA THR A 162 10.49 -3.12 -11.78
C THR A 162 10.09 -3.48 -13.21
N LYS A 163 8.91 -3.04 -13.66
CA LYS A 163 8.41 -3.27 -15.02
C LYS A 163 9.34 -2.55 -16.01
N ASP A 164 9.74 -1.31 -15.71
CA ASP A 164 10.66 -0.52 -16.54
C ASP A 164 12.00 -1.24 -16.64
N ALA A 165 12.51 -1.82 -15.54
CA ALA A 165 13.75 -2.59 -15.57
C ALA A 165 13.62 -3.77 -16.59
N GLY A 166 12.45 -4.40 -16.63
CA GLY A 166 12.17 -5.47 -17.58
C GLY A 166 12.22 -4.96 -19.01
N ALA A 167 11.54 -3.82 -19.29
CA ALA A 167 11.54 -3.21 -20.62
C ALA A 167 12.96 -2.83 -21.06
N ILE A 168 13.77 -2.26 -20.15
CA ILE A 168 15.16 -1.92 -20.46
C ILE A 168 15.97 -3.18 -20.81
N ALA A 169 15.67 -4.31 -20.14
CA ALA A 169 16.34 -5.59 -20.40
C ALA A 169 15.90 -6.26 -21.71
N GLY A 170 14.92 -5.70 -22.41
CA GLY A 170 14.41 -6.25 -23.65
C GLY A 170 13.29 -7.26 -23.48
N LEU A 171 12.63 -7.22 -22.31
CA LEU A 171 11.56 -8.14 -22.02
C LEU A 171 10.22 -7.44 -22.17
N ASN A 172 9.24 -8.17 -22.63
CA ASN A 172 7.88 -7.71 -22.70
C ASN A 172 7.32 -8.29 -21.43
N VAL A 173 7.07 -7.45 -20.45
CA VAL A 173 6.57 -7.90 -19.16
C VAL A 173 5.08 -8.14 -19.27
N LEU A 174 4.69 -9.43 -19.37
CA LEU A 174 3.28 -9.80 -19.45
C LEU A 174 2.53 -9.35 -18.21
N ARG A 175 3.18 -9.45 -17.04
CA ARG A 175 2.57 -9.08 -15.79
C ARG A 175 3.59 -9.06 -14.67
N ILE A 176 3.37 -8.18 -13.69
CA ILE A 176 4.10 -8.13 -12.44
C ILE A 176 3.16 -8.83 -11.44
N ILE A 177 3.63 -9.86 -10.74
CA ILE A 177 2.78 -10.55 -9.76
C ILE A 177 3.47 -10.57 -8.41
N ASN A 178 2.73 -10.82 -7.34
CA ASN A 178 3.28 -10.88 -5.99
C ASN A 178 4.06 -12.17 -5.77
N GLU A 179 5.20 -12.06 -5.08
CA GLU A 179 6.05 -13.19 -4.71
C GLU A 179 5.29 -14.26 -3.93
N PRO A 180 4.52 -13.92 -2.88
CA PRO A 180 3.81 -14.98 -2.13
C PRO A 180 2.80 -15.70 -2.99
N THR A 181 2.11 -14.97 -3.88
CA THR A 181 1.15 -15.58 -4.77
C THR A 181 1.86 -16.51 -5.75
N ALA A 182 3.02 -16.10 -6.28
CA ALA A 182 3.82 -16.96 -7.17
C ALA A 182 4.19 -18.29 -6.46
N ALA A 183 4.59 -18.21 -5.18
CA ALA A 183 4.94 -19.42 -4.41
C ALA A 183 3.75 -20.34 -4.26
N ALA A 184 2.55 -19.77 -4.01
CA ALA A 184 1.33 -20.58 -3.85
C ALA A 184 0.93 -21.22 -5.19
N ILE A 185 1.08 -20.46 -6.30
CA ILE A 185 0.78 -20.97 -7.64
C ILE A 185 1.71 -22.16 -7.96
N ALA A 186 3.02 -22.09 -7.58
CA ALA A 186 4.02 -23.16 -7.77
C ALA A 186 3.51 -24.48 -7.20
N TYR A 187 2.87 -24.46 -6.00
CA TYR A 187 2.39 -25.67 -5.38
C TYR A 187 1.00 -26.13 -5.85
N GLY A 188 0.41 -25.46 -6.83
CA GLY A 188 -0.90 -25.83 -7.35
C GLY A 188 -1.99 -25.68 -6.31
N LEU A 189 -1.80 -24.76 -5.34
CA LEU A 189 -2.78 -24.58 -4.28
C LEU A 189 -4.02 -23.86 -4.79
N ASP A 190 -3.92 -23.12 -5.95
CA ASP A 190 -5.05 -22.48 -6.62
C ASP A 190 -5.98 -23.49 -7.30
N LYS A 191 -5.45 -24.64 -7.71
CA LYS A 191 -6.24 -25.65 -8.41
C LYS A 191 -6.51 -26.90 -7.56
N LYS A 192 -6.18 -26.88 -6.24
CA LYS A 192 -6.39 -28.01 -5.33
C LYS A 192 -7.56 -27.78 -4.36
N GLY A 193 -8.46 -28.75 -4.26
CA GLY A 193 -9.59 -28.68 -3.32
C GLY A 193 -10.81 -27.87 -3.66
N LYS A 194 -10.66 -26.71 -4.39
CA LYS A 194 -11.75 -25.78 -4.78
C LYS A 194 -12.33 -24.91 -3.63
N GLY A 195 -12.58 -25.51 -2.45
CA GLY A 195 -13.06 -24.80 -1.27
C GLY A 195 -12.09 -23.74 -0.78
N GLU A 196 -12.52 -22.90 0.20
CA GLU A 196 -11.65 -21.82 0.68
C GLU A 196 -10.41 -22.35 1.40
N GLN A 197 -9.25 -21.81 1.04
CA GLN A 197 -8.00 -22.24 1.62
C GLN A 197 -7.24 -21.04 2.13
N ASN A 198 -6.74 -21.14 3.35
CA ASN A 198 -5.90 -20.12 3.98
C ASN A 198 -4.46 -20.61 3.86
N ILE A 199 -3.63 -19.88 3.12
CA ILE A 199 -2.25 -20.26 2.89
C ILE A 199 -1.30 -19.26 3.53
N LEU A 200 -0.36 -19.72 4.36
CA LEU A 200 0.66 -18.86 4.93
C LEU A 200 1.98 -19.06 4.18
N ILE A 201 2.54 -17.99 3.60
CA ILE A 201 3.83 -18.04 2.90
C ILE A 201 4.87 -17.49 3.87
N PHE A 202 5.87 -18.29 4.24
CA PHE A 202 6.92 -17.94 5.16
C PHE A 202 8.16 -17.84 4.29
N ASP A 203 8.58 -16.61 3.98
CA ASP A 203 9.67 -16.38 3.06
C ASP A 203 10.88 -15.71 3.74
N LEU A 204 11.93 -16.48 4.01
CA LEU A 204 13.12 -15.95 4.67
C LEU A 204 14.32 -16.10 3.73
N GLY A 205 14.72 -15.01 3.11
CA GLY A 205 15.79 -15.03 2.12
C GLY A 205 17.14 -14.62 2.69
N GLY A 206 17.92 -13.92 1.87
CA GLY A 206 19.23 -13.44 2.29
C GLY A 206 19.18 -12.15 3.08
N GLY A 207 18.23 -11.27 2.74
CA GLY A 207 18.17 -9.99 3.43
C GLY A 207 16.85 -9.65 4.04
N THR A 208 15.77 -10.31 3.60
CA THR A 208 14.43 -9.94 4.10
C THR A 208 13.62 -11.15 4.57
N PHE A 209 12.58 -10.85 5.35
CA PHE A 209 11.70 -11.85 5.87
C PHE A 209 10.30 -11.35 5.61
N ASP A 210 9.51 -12.10 4.84
CA ASP A 210 8.15 -11.76 4.52
C ASP A 210 7.22 -12.89 4.87
N VAL A 211 6.14 -12.57 5.59
CA VAL A 211 5.10 -13.53 5.90
C VAL A 211 3.83 -12.97 5.28
N SER A 212 3.12 -13.78 4.52
CA SER A 212 1.90 -13.34 3.84
C SER A 212 0.84 -14.38 4.04
N LEU A 213 -0.35 -13.94 4.43
CA LEU A 213 -1.47 -14.84 4.58
C LEU A 213 -2.38 -14.60 3.37
N LEU A 214 -2.62 -15.64 2.59
CA LEU A 214 -3.42 -15.60 1.39
C LEU A 214 -4.68 -16.39 1.59
N THR A 215 -5.70 -16.04 0.88
CA THR A 215 -6.93 -16.82 0.82
C THR A 215 -7.15 -17.15 -0.64
N LEU A 216 -7.68 -18.31 -0.88
CA LEU A 216 -7.92 -18.78 -2.23
C LEU A 216 -9.26 -19.45 -2.36
N GLU A 217 -10.21 -18.78 -3.02
CA GLU A 217 -11.48 -19.41 -3.32
C GLU A 217 -11.67 -19.40 -4.84
N ASP A 218 -11.75 -20.60 -5.42
CA ASP A 218 -11.99 -20.83 -6.85
C ASP A 218 -10.97 -20.16 -7.78
N GLY A 219 -9.71 -20.54 -7.61
CA GLY A 219 -8.58 -20.08 -8.41
C GLY A 219 -8.20 -18.64 -8.23
N ILE A 220 -8.83 -17.94 -7.29
CA ILE A 220 -8.56 -16.52 -7.04
C ILE A 220 -7.77 -16.32 -5.73
N PHE A 221 -6.51 -15.87 -5.81
CA PHE A 221 -5.72 -15.60 -4.61
C PHE A 221 -5.89 -14.17 -4.18
N GLU A 222 -6.02 -13.95 -2.88
CA GLU A 222 -6.08 -12.61 -2.30
C GLU A 222 -5.08 -12.56 -1.16
N VAL A 223 -4.30 -11.47 -1.07
CA VAL A 223 -3.38 -11.24 0.03
C VAL A 223 -4.17 -10.59 1.15
N LYS A 224 -4.47 -11.36 2.21
CA LYS A 224 -5.25 -10.88 3.35
C LYS A 224 -4.40 -10.04 4.32
N ALA A 225 -3.17 -10.48 4.61
CA ALA A 225 -2.32 -9.77 5.57
C ALA A 225 -0.87 -10.05 5.29
N THR A 226 0.00 -9.07 5.50
CA THR A 226 1.45 -9.25 5.33
C THR A 226 2.17 -8.66 6.53
N SER A 227 3.31 -9.22 6.86
CA SER A 227 4.16 -8.72 7.93
C SER A 227 5.55 -9.28 7.68
N GLY A 228 6.51 -8.93 8.52
CA GLY A 228 7.86 -9.46 8.38
C GLY A 228 8.88 -8.50 8.95
N ASP A 229 10.07 -8.52 8.39
CA ASP A 229 11.16 -7.66 8.80
C ASP A 229 12.05 -7.51 7.58
N THR A 230 12.12 -6.28 7.04
CA THR A 230 12.93 -6.01 5.82
C THR A 230 14.43 -6.12 6.09
N HIS A 231 14.85 -6.36 7.34
CA HIS A 231 16.27 -6.51 7.67
C HIS A 231 16.56 -7.75 8.49
N LEU A 232 15.87 -8.84 8.16
CA LEU A 232 16.13 -10.11 8.82
C LEU A 232 16.23 -11.13 7.71
N GLY A 233 17.37 -11.76 7.62
CA GLY A 233 17.60 -12.78 6.61
C GLY A 233 18.87 -13.54 6.91
N GLY A 234 19.29 -14.38 5.97
CA GLY A 234 20.50 -15.16 6.10
C GLY A 234 21.74 -14.35 6.40
N GLU A 235 21.84 -13.11 5.85
CA GLU A 235 23.01 -12.24 6.10
C GLU A 235 23.18 -11.92 7.57
N ASP A 236 22.08 -11.84 8.32
CA ASP A 236 22.08 -11.58 9.75
C ASP A 236 22.56 -12.79 10.57
N PHE A 237 22.32 -14.01 10.07
CA PHE A 237 22.79 -15.23 10.70
C PHE A 237 24.28 -15.36 10.42
N ASP A 238 24.75 -14.98 9.20
CA ASP A 238 26.18 -14.95 8.87
C ASP A 238 26.89 -13.97 9.80
N ASN A 239 26.28 -12.81 10.10
CA ASN A 239 26.81 -11.77 11.00
C ASN A 239 26.95 -12.30 12.40
N LYS A 240 26.03 -13.16 12.85
CA LYS A 240 26.16 -13.77 14.19
C LYS A 240 27.40 -14.65 14.24
N LEU A 241 27.72 -15.34 13.15
CA LEU A 241 28.90 -16.19 13.08
C LEU A 241 30.15 -15.30 13.00
N VAL A 242 30.11 -14.21 12.21
CA VAL A 242 31.21 -13.26 12.07
C VAL A 242 31.55 -12.67 13.44
N ASN A 243 30.56 -12.09 14.16
CA ASN A 243 30.76 -11.52 15.50
C ASN A 243 31.39 -12.52 16.47
N PHE A 244 30.96 -13.79 16.42
CA PHE A 244 31.52 -14.82 17.30
C PHE A 244 33.00 -15.05 16.94
N CYS A 245 33.32 -15.21 15.64
CA CYS A 245 34.67 -15.47 15.15
C CYS A 245 35.61 -14.32 15.45
N VAL A 246 35.13 -13.06 15.36
CA VAL A 246 35.91 -11.87 15.68
C VAL A 246 36.35 -11.94 17.15
N GLN A 247 35.42 -12.30 18.04
CA GLN A 247 35.71 -12.43 19.47
C GLN A 247 36.59 -13.64 19.77
N ASP A 248 36.42 -14.72 19.02
CA ASP A 248 37.21 -15.94 19.17
C ASP A 248 38.65 -15.69 18.74
N PHE A 249 38.86 -14.90 17.67
CA PHE A 249 40.18 -14.54 17.18
C PHE A 249 40.89 -13.71 18.24
N LYS A 250 40.17 -12.77 18.91
CA LYS A 250 40.70 -11.94 19.99
C LYS A 250 41.22 -12.80 21.13
N LYS A 251 40.43 -13.79 21.58
CA LYS A 251 40.84 -14.69 22.67
C LYS A 251 42.02 -15.55 22.30
N LYS A 252 42.18 -15.89 21.01
CA LYS A 252 43.29 -16.73 20.55
C LYS A 252 44.58 -15.95 20.28
N ASN A 253 44.46 -14.69 19.83
CA ASN A 253 45.59 -13.91 19.38
C ASN A 253 45.76 -12.57 20.11
N GLY A 254 45.87 -12.64 21.44
CA GLY A 254 46.12 -11.51 22.33
C GLY A 254 45.40 -10.21 22.07
N GLY A 255 44.08 -10.27 21.88
CA GLY A 255 43.23 -9.10 21.67
C GLY A 255 43.17 -8.51 20.29
N LYS A 256 43.87 -9.11 19.31
CA LYS A 256 43.87 -8.60 17.93
C LYS A 256 42.46 -8.56 17.35
N ASP A 257 42.06 -7.41 16.78
CA ASP A 257 40.72 -7.16 16.29
C ASP A 257 40.59 -7.16 14.77
N VAL A 258 40.04 -8.26 14.23
CA VAL A 258 39.79 -8.45 12.81
C VAL A 258 38.83 -7.37 12.25
N SER A 259 37.88 -6.90 13.07
CA SER A 259 36.90 -5.90 12.65
C SER A 259 37.48 -4.57 12.22
N LYS A 260 38.74 -4.28 12.58
CA LYS A 260 39.43 -3.05 12.14
C LYS A 260 39.77 -3.08 10.63
N ASN A 261 39.77 -4.28 10.01
CA ASN A 261 40.10 -4.46 8.61
C ASN A 261 38.84 -4.96 7.90
N SER A 262 38.29 -4.14 6.99
CA SER A 262 37.06 -4.48 6.30
C SER A 262 37.24 -5.65 5.32
N LYS A 263 38.44 -5.82 4.75
CA LYS A 263 38.72 -6.93 3.85
C LYS A 263 38.77 -8.23 4.67
N SER A 264 39.35 -8.20 5.89
CA SER A 264 39.39 -9.36 6.76
C SER A 264 37.95 -9.78 7.15
N LEU A 265 37.07 -8.80 7.41
CA LEU A 265 35.68 -9.09 7.76
C LEU A 265 34.95 -9.74 6.59
N ARG A 266 35.13 -9.23 5.36
CA ARG A 266 34.45 -9.75 4.16
C ARG A 266 34.87 -11.19 3.87
N ARG A 267 36.16 -11.49 4.01
CA ARG A 267 36.67 -12.84 3.80
C ARG A 267 36.12 -13.79 4.86
N LEU A 268 36.02 -13.32 6.11
CA LEU A 268 35.49 -14.10 7.22
C LEU A 268 33.99 -14.36 7.00
N ARG A 269 33.26 -13.34 6.53
CA ARG A 269 31.83 -13.44 6.24
C ARG A 269 31.57 -14.49 5.17
N THR A 270 32.39 -14.53 4.12
CA THR A 270 32.26 -15.52 3.05
C THR A 270 32.36 -16.93 3.59
N GLN A 271 33.31 -17.19 4.49
CA GLN A 271 33.47 -18.51 5.10
C GLN A 271 32.38 -18.82 6.13
N CYS A 272 31.86 -17.78 6.81
CA CYS A 272 30.76 -17.94 7.77
C CYS A 272 29.50 -18.37 7.07
N GLU A 273 29.20 -17.76 5.91
CA GLU A 273 28.03 -18.13 5.13
C GLU A 273 28.15 -19.60 4.62
N LYS A 274 29.35 -20.03 4.21
CA LYS A 274 29.56 -21.39 3.71
C LYS A 274 29.33 -22.40 4.83
N ALA A 275 29.89 -22.15 6.02
CA ALA A 275 29.74 -23.04 7.17
C ALA A 275 28.24 -23.14 7.56
N LYS A 276 27.53 -22.01 7.56
CA LYS A 276 26.10 -21.95 7.85
C LYS A 276 25.31 -22.90 6.95
N ARG A 277 25.59 -22.88 5.64
CA ARG A 277 24.92 -23.79 4.71
C ARG A 277 25.19 -25.26 5.03
N VAL A 278 26.45 -25.60 5.36
CA VAL A 278 26.86 -26.94 5.76
C VAL A 278 26.06 -27.40 6.97
N LEU A 279 25.89 -26.50 7.97
CA LEU A 279 25.15 -26.79 9.20
C LEU A 279 23.65 -27.11 8.98
N SER A 280 23.08 -26.85 7.78
CA SER A 280 21.71 -27.24 7.45
C SER A 280 21.61 -28.76 7.18
N SER A 281 22.74 -29.42 6.85
CA SER A 281 22.72 -30.89 6.63
C SER A 281 23.77 -31.65 7.46
N SER A 282 24.65 -30.96 8.17
CA SER A 282 25.65 -31.60 9.04
C SER A 282 25.58 -31.07 10.47
N ALA A 283 26.10 -31.83 11.43
CA ALA A 283 26.08 -31.43 12.83
C ALA A 283 27.18 -30.44 13.22
N GLN A 284 28.19 -30.29 12.36
CA GLN A 284 29.39 -29.49 12.58
C GLN A 284 29.90 -28.95 11.26
N ALA A 285 30.65 -27.88 11.33
CA ALA A 285 31.28 -27.25 10.17
C ALA A 285 32.53 -26.50 10.63
N THR A 286 33.51 -26.33 9.74
CA THR A 286 34.73 -25.63 10.05
C THR A 286 34.75 -24.29 9.33
N ILE A 287 35.06 -23.21 10.04
CA ILE A 287 35.24 -21.88 9.46
C ILE A 287 36.76 -21.70 9.42
N GLU A 288 37.30 -21.49 8.22
CA GLU A 288 38.75 -21.38 8.06
C GLU A 288 39.12 -20.25 7.10
N VAL A 289 39.99 -19.32 7.55
CA VAL A 289 40.49 -18.24 6.72
C VAL A 289 41.99 -18.18 6.90
N ASP A 290 42.74 -18.54 5.85
CA ASP A 290 44.19 -18.49 5.92
C ASP A 290 44.62 -17.03 5.80
N SER A 291 45.59 -16.61 6.65
CA SER A 291 46.11 -15.23 6.72
C SER A 291 44.97 -14.22 6.78
N LEU A 292 44.13 -14.35 7.80
CA LEU A 292 42.94 -13.53 7.98
C LEU A 292 43.29 -12.08 8.32
N PHE A 293 44.12 -11.90 9.34
CA PHE A 293 44.51 -10.60 9.84
C PHE A 293 45.92 -10.72 10.39
N ASP A 294 46.81 -9.78 10.02
CA ASP A 294 48.19 -9.77 10.48
C ASP A 294 48.93 -11.06 10.14
N GLY A 295 48.60 -11.65 8.99
CA GLY A 295 49.19 -12.90 8.52
C GLY A 295 48.88 -14.10 9.40
N ILE A 296 47.88 -13.98 10.28
CA ILE A 296 47.50 -15.06 11.18
C ILE A 296 46.39 -15.90 10.58
N ASP A 297 46.59 -17.23 10.57
CA ASP A 297 45.58 -18.15 10.08
C ASP A 297 44.48 -18.29 11.13
N TYR A 298 43.23 -18.44 10.66
CA TYR A 298 42.10 -18.61 11.57
C TYR A 298 41.35 -19.89 11.24
N ASN A 299 41.02 -20.66 12.28
CA ASN A 299 40.30 -21.91 12.16
C ASN A 299 39.44 -22.09 13.41
N VAL A 300 38.18 -22.49 13.22
CA VAL A 300 37.27 -22.77 14.34
C VAL A 300 36.24 -23.81 13.92
N ASN A 301 35.78 -24.67 14.85
CA ASN A 301 34.74 -25.64 14.57
C ASN A 301 33.43 -25.13 15.19
N ILE A 302 32.37 -25.06 14.39
CA ILE A 302 31.06 -24.61 14.85
C ILE A 302 30.07 -25.77 14.78
N THR A 303 29.49 -26.14 15.92
CA THR A 303 28.45 -27.18 15.94
C THR A 303 27.13 -26.51 15.54
N ARG A 304 26.16 -27.31 15.06
CA ARG A 304 24.82 -26.81 14.75
C ARG A 304 24.18 -26.21 16.00
N ALA A 305 24.44 -26.79 17.18
CA ALA A 305 23.95 -26.31 18.47
C ALA A 305 24.47 -24.90 18.77
N LYS A 306 25.77 -24.63 18.49
CA LYS A 306 26.34 -23.29 18.73
C LYS A 306 25.73 -22.26 17.80
N PHE A 307 25.53 -22.64 16.52
CA PHE A 307 24.90 -21.75 15.52
C PHE A 307 23.47 -21.43 15.96
N GLU A 308 22.72 -22.44 16.41
CA GLU A 308 21.36 -22.29 16.91
C GLU A 308 21.31 -21.37 18.14
N GLU A 309 22.34 -21.43 18.99
CA GLU A 309 22.43 -20.63 20.19
C GLU A 309 22.69 -19.16 19.82
N LEU A 310 23.64 -18.90 18.91
CA LEU A 310 23.95 -17.55 18.50
C LEU A 310 22.77 -16.87 17.84
N CYS A 311 21.92 -17.64 17.13
CA CYS A 311 20.76 -17.13 16.39
C CYS A 311 19.42 -17.35 17.05
N MET A 312 19.41 -17.92 18.26
CA MET A 312 18.23 -18.33 19.03
C MET A 312 17.08 -17.33 19.02
N ASP A 313 17.37 -16.08 19.36
CA ASP A 313 16.37 -15.02 19.41
C ASP A 313 15.87 -14.67 18.02
N GLN A 314 16.77 -14.51 17.05
CA GLN A 314 16.38 -14.20 15.68
C GLN A 314 15.51 -15.30 15.06
N PHE A 315 15.80 -16.56 15.35
CA PHE A 315 15.03 -17.69 14.81
C PHE A 315 13.63 -17.69 15.42
N ARG A 316 13.56 -17.58 16.75
CA ARG A 316 12.31 -17.58 17.50
CA ARG A 316 12.31 -17.58 17.51
C ARG A 316 11.43 -16.37 17.09
N ASN A 317 12.06 -15.21 16.87
CA ASN A 317 11.33 -14.00 16.49
C ASN A 317 10.73 -14.04 15.13
N THR A 318 11.08 -15.07 14.28
CA THR A 318 10.42 -15.20 12.99
C THR A 318 8.92 -15.52 13.19
N LEU A 319 8.55 -16.05 14.36
CA LEU A 319 7.15 -16.35 14.64
C LEU A 319 6.33 -15.10 14.97
N ILE A 320 6.97 -13.99 15.37
CA ILE A 320 6.23 -12.75 15.71
C ILE A 320 5.43 -12.25 14.50
N PRO A 321 6.04 -12.09 13.30
CA PRO A 321 5.25 -11.72 12.12
C PRO A 321 4.20 -12.76 11.71
N VAL A 322 4.40 -14.03 12.05
CA VAL A 322 3.41 -15.07 11.79
C VAL A 322 2.16 -14.80 12.65
N GLU A 323 2.38 -14.53 13.94
CA GLU A 323 1.29 -14.20 14.85
C GLU A 323 0.61 -12.91 14.44
N LYS A 324 1.37 -11.94 13.95
CA LYS A 324 0.82 -10.66 13.51
C LYS A 324 -0.11 -10.80 12.31
N VAL A 325 0.28 -11.55 11.24
CA VAL A 325 -0.61 -11.74 10.08
C VAL A 325 -1.88 -12.46 10.47
N LEU A 326 -1.79 -13.42 11.38
CA LEU A 326 -2.97 -14.18 11.80
C LEU A 326 -3.92 -13.25 12.55
N LYS A 327 -3.36 -12.41 13.45
CA LYS A 327 -4.12 -11.42 14.20
C LYS A 327 -4.80 -10.42 13.22
N ASP A 328 -4.03 -9.82 12.28
CA ASP A 328 -4.58 -8.88 11.29
C ASP A 328 -5.69 -9.51 10.47
N ALA A 329 -5.50 -10.77 10.02
CA ALA A 329 -6.54 -11.45 9.24
C ALA A 329 -7.68 -11.98 10.08
N LYS A 330 -7.62 -11.84 11.41
CA LYS A 330 -8.62 -12.31 12.34
C LYS A 330 -8.82 -13.82 12.19
N MET A 331 -7.72 -14.59 12.23
CA MET A 331 -7.85 -16.04 12.16
C MET A 331 -6.88 -16.75 13.07
N ASP A 332 -7.26 -17.96 13.52
CA ASP A 332 -6.45 -18.82 14.39
C ASP A 332 -5.42 -19.59 13.53
N LYS A 333 -4.30 -19.99 14.12
CA LYS A 333 -3.26 -20.74 13.41
C LYS A 333 -3.80 -22.10 12.91
N SER A 334 -4.80 -22.67 13.61
CA SER A 334 -5.45 -23.92 13.23
C SER A 334 -6.23 -23.80 11.90
N GLN A 335 -6.48 -22.56 11.43
CA GLN A 335 -7.21 -22.34 10.18
C GLN A 335 -6.31 -22.28 8.96
N VAL A 336 -4.99 -22.34 9.13
CA VAL A 336 -4.07 -22.32 8.02
C VAL A 336 -4.00 -23.75 7.41
N HIS A 337 -4.38 -23.86 6.13
CA HIS A 337 -4.41 -25.12 5.39
C HIS A 337 -3.03 -25.54 4.91
N GLU A 338 -2.20 -24.59 4.49
CA GLU A 338 -0.84 -24.88 4.01
C GLU A 338 0.11 -23.81 4.47
N ILE A 339 1.34 -24.21 4.87
CA ILE A 339 2.44 -23.31 5.22
C ILE A 339 3.50 -23.57 4.16
N VAL A 340 3.79 -22.60 3.32
CA VAL A 340 4.78 -22.76 2.26
C VAL A 340 6.11 -22.10 2.64
N LEU A 341 7.21 -22.89 2.65
CA LEU A 341 8.53 -22.37 2.95
C LEU A 341 9.19 -21.89 1.67
N VAL A 342 9.53 -20.58 1.64
CA VAL A 342 10.17 -19.89 0.53
C VAL A 342 11.45 -19.20 1.06
N GLY A 343 12.46 -19.06 0.23
CA GLY A 343 13.70 -18.36 0.60
C GLY A 343 14.75 -19.31 1.08
N GLY A 344 15.99 -19.10 0.69
CA GLY A 344 17.08 -20.02 1.01
C GLY A 344 17.31 -20.31 2.48
N SER A 345 16.97 -19.38 3.36
CA SER A 345 17.16 -19.57 4.81
C SER A 345 16.15 -20.56 5.42
N THR A 346 15.05 -20.88 4.73
CA THR A 346 14.11 -21.88 5.26
C THR A 346 14.69 -23.31 5.25
N ARG A 347 15.93 -23.48 4.71
CA ARG A 347 16.64 -24.76 4.77
C ARG A 347 17.19 -25.03 6.17
N ILE A 348 17.28 -24.01 7.05
CA ILE A 348 17.82 -24.17 8.40
C ILE A 348 16.88 -25.05 9.19
N PRO A 349 17.36 -26.22 9.65
CA PRO A 349 16.47 -27.13 10.38
C PRO A 349 15.73 -26.52 11.57
N LYS A 350 16.39 -25.67 12.37
CA LYS A 350 15.78 -25.06 13.54
C LYS A 350 14.58 -24.19 13.14
N ILE A 351 14.68 -23.49 12.01
CA ILE A 351 13.56 -22.68 11.54
C ILE A 351 12.39 -23.56 11.16
N GLN A 352 12.64 -24.66 10.44
CA GLN A 352 11.59 -25.59 10.06
C GLN A 352 10.91 -26.18 11.29
N GLN A 353 11.68 -26.54 12.32
CA GLN A 353 11.15 -27.10 13.55
C GLN A 353 10.30 -26.05 14.31
N LEU A 354 10.78 -24.80 14.40
CA LEU A 354 10.03 -23.73 15.07
C LEU A 354 8.65 -23.50 14.43
N ILE A 355 8.60 -23.44 13.07
CA ILE A 355 7.36 -23.23 12.33
C ILE A 355 6.42 -24.43 12.51
N LYS A 356 6.96 -25.67 12.43
CA LYS A 356 6.16 -26.87 12.56
C LYS A 356 5.55 -26.93 13.93
N ASP A 357 6.33 -26.61 14.99
CA ASP A 357 5.84 -26.65 16.37
C ASP A 357 4.79 -25.56 16.58
N PHE A 358 5.01 -24.36 16.01
CA PHE A 358 4.04 -23.28 16.08
C PHE A 358 2.68 -23.71 15.48
N PHE A 359 2.72 -24.40 14.33
CA PHE A 359 1.50 -24.90 13.69
C PHE A 359 1.08 -26.30 14.18
N ASN A 360 1.44 -26.62 15.43
CA ASN A 360 1.01 -27.83 16.08
C ASN A 360 1.34 -29.13 15.31
N GLY A 361 2.55 -29.20 14.77
CA GLY A 361 3.01 -30.40 14.09
C GLY A 361 2.67 -30.54 12.62
N LYS A 362 2.07 -29.51 12.04
CA LYS A 362 1.70 -29.52 10.64
C LYS A 362 2.94 -29.42 9.80
N GLU A 363 3.09 -30.31 8.83
CA GLU A 363 4.27 -30.30 7.95
C GLU A 363 4.17 -29.18 6.95
N PRO A 364 5.19 -28.33 6.85
CA PRO A 364 5.15 -27.26 5.84
C PRO A 364 5.42 -27.81 4.44
N LYS A 366 7.49 -27.85 1.45
CA LYS A 366 8.86 -27.52 1.12
C LYS A 366 9.43 -28.44 0.02
N ALA A 367 8.58 -29.13 -0.75
CA ALA A 367 8.99 -30.02 -1.84
C ALA A 367 9.75 -29.27 -2.93
N ILE A 368 9.37 -28.02 -3.21
CA ILE A 368 10.09 -27.22 -4.21
C ILE A 368 11.25 -26.51 -3.49
N ASN A 369 12.49 -26.55 -4.07
CA ASN A 369 13.69 -25.85 -3.55
C ASN A 369 13.26 -24.44 -3.18
N PRO A 370 13.35 -24.07 -1.89
CA PRO A 370 12.70 -22.82 -1.41
C PRO A 370 13.11 -21.54 -2.12
N ASP A 371 14.36 -21.49 -2.58
CA ASP A 371 14.87 -20.36 -3.33
C ASP A 371 14.47 -20.38 -4.83
N GLU A 372 13.69 -21.41 -5.26
CA GLU A 372 13.17 -21.56 -6.62
C GLU A 372 11.66 -21.44 -6.72
N ALA A 373 10.93 -21.52 -5.59
CA ALA A 373 9.46 -21.60 -5.66
C ALA A 373 8.80 -20.34 -6.30
N VAL A 374 9.37 -19.15 -6.12
CA VAL A 374 8.82 -17.93 -6.68
C VAL A 374 8.99 -17.90 -8.20
N ALA A 375 10.20 -18.23 -8.71
CA ALA A 375 10.40 -18.33 -10.16
C ALA A 375 9.53 -19.43 -10.74
N TYR A 376 9.34 -20.52 -10.00
CA TYR A 376 8.58 -21.67 -10.46
C TYR A 376 7.13 -21.24 -10.69
N GLY A 377 6.56 -20.49 -9.75
CA GLY A 377 5.21 -19.98 -9.87
C GLY A 377 5.07 -18.92 -10.95
N ALA A 378 6.06 -18.07 -11.08
CA ALA A 378 6.06 -17.03 -12.12
C ALA A 378 6.12 -17.67 -13.51
N ALA A 379 6.85 -18.80 -13.65
CA ALA A 379 6.94 -19.51 -14.90
C ALA A 379 5.59 -20.13 -15.23
N VAL A 380 4.86 -20.64 -14.25
CA VAL A 380 3.52 -21.18 -14.45
C VAL A 380 2.59 -20.07 -14.97
N GLN A 381 2.60 -18.91 -14.29
CA GLN A 381 1.79 -17.78 -14.67
C GLN A 381 2.16 -17.26 -16.06
N ALA A 382 3.45 -17.25 -16.41
CA ALA A 382 3.90 -16.84 -17.73
C ALA A 382 3.37 -17.74 -18.84
N ALA A 383 3.32 -19.07 -18.57
CA ALA A 383 2.79 -20.02 -19.54
C ALA A 383 1.30 -19.84 -19.70
N ILE A 384 0.57 -19.65 -18.59
CA ILE A 384 -0.89 -19.43 -18.64
C ILE A 384 -1.19 -18.16 -19.44
N LEU A 385 -0.50 -17.06 -19.14
CA LEU A 385 -0.69 -15.80 -19.87
C LEU A 385 -0.24 -15.84 -21.35
N SER A 386 0.46 -16.90 -21.75
CA SER A 386 0.82 -17.11 -23.15
C SER A 386 -0.17 -18.02 -23.89
N GLY A 387 -1.24 -18.47 -23.21
CA GLY A 387 -2.24 -19.35 -23.79
C GLY A 387 -1.97 -20.84 -23.63
N ASP A 388 -0.97 -21.22 -22.83
CA ASP A 388 -0.65 -22.61 -22.59
C ASP A 388 -1.37 -23.11 -21.33
N GLN A 389 -2.43 -23.89 -21.47
CA GLN A 389 -3.20 -24.37 -20.32
C GLN A 389 -2.70 -25.73 -19.77
N SER A 390 -1.48 -26.18 -20.11
CA SER A 390 -0.97 -27.51 -19.76
C SER A 390 -0.65 -27.74 -18.27
N SER A 391 -0.32 -26.68 -17.52
CA SER A 391 -0.05 -26.82 -16.07
C SER A 391 -1.36 -27.06 -15.26
N ALA A 392 -2.53 -26.69 -15.85
CA ALA A 392 -3.85 -26.84 -15.25
C ALA A 392 -4.40 -28.27 -15.40
N GLU B 7 -2.66 6.40 -21.67
CA GLU B 7 -3.15 5.07 -21.28
C GLU B 7 -3.46 4.98 -19.78
N VAL B 8 -2.76 5.77 -18.95
CA VAL B 8 -3.02 5.74 -17.50
C VAL B 8 -4.28 6.53 -17.24
N ALA B 9 -5.26 5.88 -16.62
CA ALA B 9 -6.52 6.51 -16.24
C ALA B 9 -6.59 6.56 -14.71
N ILE B 10 -7.25 7.60 -14.19
CA ILE B 10 -7.36 7.82 -12.75
C ILE B 10 -8.81 7.67 -12.29
N GLY B 11 -8.96 7.34 -11.02
CA GLY B 11 -10.28 7.30 -10.40
C GLY B 11 -10.34 8.45 -9.42
N ILE B 12 -11.43 9.22 -9.45
CA ILE B 12 -11.56 10.38 -8.57
C ILE B 12 -12.86 10.31 -7.78
N ASP B 13 -12.74 10.35 -6.45
CA ASP B 13 -13.87 10.50 -5.56
C ASP B 13 -13.99 12.02 -5.39
N LEU B 14 -15.02 12.64 -6.01
CA LEU B 14 -15.25 14.07 -5.88
C LEU B 14 -16.22 14.20 -4.71
N GLY B 15 -15.67 14.32 -3.51
CA GLY B 15 -16.49 14.33 -2.29
C GLY B 15 -17.04 15.67 -1.91
N THR B 16 -18.02 15.66 -1.00
CA THR B 16 -18.64 16.89 -0.51
C THR B 16 -17.63 17.76 0.19
N THR B 17 -16.85 17.16 1.11
CA THR B 17 -15.89 17.89 1.93
C THR B 17 -14.44 17.59 1.49
N TYR B 18 -14.12 16.31 1.14
CA TYR B 18 -12.78 15.90 0.67
C TYR B 18 -12.87 15.08 -0.61
N SER B 19 -11.88 15.25 -1.48
CA SER B 19 -11.73 14.50 -2.72
C SER B 19 -10.47 13.61 -2.66
N CYS B 20 -10.42 12.55 -3.47
CA CYS B 20 -9.35 11.61 -3.42
C CYS B 20 -9.09 11.06 -4.83
N VAL B 21 -7.81 10.86 -5.19
CA VAL B 21 -7.47 10.35 -6.52
C VAL B 21 -6.59 9.10 -6.42
N GLY B 22 -6.90 8.09 -7.22
CA GLY B 22 -6.15 6.86 -7.27
C GLY B 22 -5.83 6.39 -8.69
N ILE B 23 -4.85 5.51 -8.80
CA ILE B 23 -4.52 4.82 -10.06
C ILE B 23 -4.43 3.34 -9.75
N CYS B 24 -4.79 2.49 -10.71
CA CYS B 24 -4.70 1.06 -10.56
C CYS B 24 -3.75 0.57 -11.64
N ARG B 25 -2.73 -0.17 -11.23
CA ARG B 25 -1.68 -0.58 -12.15
C ARG B 25 -0.89 -1.66 -11.51
N ASN B 26 -0.57 -2.73 -12.27
CA ASN B 26 0.28 -3.82 -11.80
C ASN B 26 -0.22 -4.51 -10.57
N GLY B 27 -1.53 -4.54 -10.39
CA GLY B 27 -2.09 -5.26 -9.24
C GLY B 27 -2.13 -4.46 -7.95
N VAL B 28 -1.92 -3.15 -8.04
CA VAL B 28 -2.05 -2.31 -6.87
C VAL B 28 -2.83 -1.08 -7.20
N VAL B 29 -3.56 -0.56 -6.23
CA VAL B 29 -4.18 0.75 -6.36
C VAL B 29 -3.34 1.66 -5.51
N ASP B 30 -2.87 2.72 -6.09
CA ASP B 30 -2.13 3.74 -5.37
C ASP B 30 -3.09 4.91 -5.16
N ILE B 31 -3.29 5.30 -3.90
CA ILE B 31 -4.02 6.54 -3.61
C ILE B 31 -2.93 7.61 -3.56
N ILE B 32 -3.02 8.61 -4.39
CA ILE B 32 -1.94 9.58 -4.56
C ILE B 32 -2.04 10.80 -3.60
N ALA B 33 -0.96 10.99 -2.82
CA ALA B 33 -0.82 12.12 -1.89
C ALA B 33 -0.63 13.43 -2.67
N ASN B 34 -1.18 14.51 -2.15
CA ASN B 34 -1.05 15.84 -2.76
C ASN B 34 0.27 16.51 -2.29
N ASP B 35 0.47 17.82 -2.62
CA ASP B 35 1.67 18.61 -2.24
C ASP B 35 1.98 18.61 -0.78
N GLN B 36 0.96 18.53 0.08
CA GLN B 36 1.21 18.55 1.53
C GLN B 36 1.38 17.14 2.14
N GLY B 37 1.40 16.10 1.28
CA GLY B 37 1.47 14.72 1.72
C GLY B 37 0.11 14.17 2.16
N ASN B 38 -1.00 14.88 1.84
CA ASN B 38 -2.33 14.43 2.24
C ASN B 38 -2.95 13.54 1.17
N ARG B 39 -3.45 12.35 1.58
CA ARG B 39 -4.04 11.35 0.68
C ARG B 39 -5.47 11.70 0.21
N THR B 40 -6.08 12.74 0.86
CA THR B 40 -7.36 13.36 0.48
C THR B 40 -7.15 14.89 0.49
N THR B 41 -7.91 15.61 -0.32
CA THR B 41 -7.76 17.04 -0.52
C THR B 41 -9.09 17.69 -0.32
N PRO B 42 -9.18 18.76 0.53
CA PRO B 42 -10.46 19.44 0.70
C PRO B 42 -11.09 19.92 -0.62
N SER B 43 -12.40 19.72 -0.78
CA SER B 43 -13.16 20.16 -1.95
C SER B 43 -13.53 21.65 -1.74
N TYR B 44 -12.48 22.48 -1.61
CA TYR B 44 -12.55 23.91 -1.31
C TYR B 44 -11.83 24.69 -2.40
N VAL B 45 -12.40 25.85 -2.76
CA VAL B 45 -11.83 26.79 -3.70
C VAL B 45 -11.95 28.19 -3.10
N ALA B 46 -10.85 28.92 -2.96
CA ALA B 46 -10.86 30.26 -2.38
C ALA B 46 -10.31 31.29 -3.34
N PHE B 47 -10.83 32.53 -3.26
CA PHE B 47 -10.40 33.62 -4.11
C PHE B 47 -9.94 34.74 -3.21
N THR B 48 -8.73 35.27 -3.43
CA THR B 48 -8.14 36.35 -2.61
C THR B 48 -7.86 37.59 -3.51
N ASP B 49 -7.24 38.65 -2.97
CA ASP B 49 -6.84 39.82 -3.74
C ASP B 49 -5.78 39.45 -4.80
N THR B 50 -5.01 38.36 -4.58
CA THR B 50 -3.95 37.97 -5.52
C THR B 50 -4.11 36.61 -6.20
N GLU B 51 -4.70 35.63 -5.52
CA GLU B 51 -4.70 34.27 -6.08
C GLU B 51 -5.96 33.41 -5.87
N ARG B 52 -6.04 32.32 -6.63
CA ARG B 52 -7.11 31.33 -6.56
C ARG B 52 -6.49 30.08 -5.92
N LEU B 53 -6.93 29.74 -4.70
CA LEU B 53 -6.42 28.61 -3.95
C LEU B 53 -7.37 27.42 -4.03
N ILE B 54 -6.84 26.20 -4.13
CA ILE B 54 -7.65 24.99 -4.21
C ILE B 54 -7.09 23.96 -3.23
N GLY B 55 -7.98 23.29 -2.51
CA GLY B 55 -7.60 22.24 -1.60
C GLY B 55 -7.20 22.71 -0.23
N ASP B 56 -6.07 22.18 0.25
CA ASP B 56 -5.55 22.51 1.57
C ASP B 56 -5.36 24.00 1.78
N ALA B 57 -4.74 24.70 0.83
CA ALA B 57 -4.52 26.14 0.97
C ALA B 57 -5.84 26.91 1.06
N ALA B 58 -6.88 26.47 0.36
CA ALA B 58 -8.20 27.10 0.43
C ALA B 58 -8.86 26.83 1.78
N LYS B 59 -8.83 25.57 2.28
CA LYS B 59 -9.42 25.26 3.57
C LYS B 59 -8.67 25.95 4.72
N ASN B 60 -7.35 26.09 4.59
CA ASN B 60 -6.53 26.68 5.65
C ASN B 60 -6.83 28.16 5.91
N GLN B 61 -7.21 28.91 4.86
CA GLN B 61 -7.55 30.32 5.05
C GLN B 61 -9.05 30.60 5.10
N ALA B 62 -9.90 29.56 5.22
CA ALA B 62 -11.35 29.72 5.21
C ALA B 62 -11.87 30.65 6.28
N SER B 63 -11.35 30.55 7.52
CA SER B 63 -11.84 31.37 8.63
C SER B 63 -11.43 32.84 8.48
N ARG B 64 -10.33 33.13 7.76
CA ARG B 64 -9.83 34.49 7.50
C ARG B 64 -10.52 35.13 6.27
N ASN B 65 -11.10 34.31 5.36
CA ASN B 65 -11.73 34.81 4.15
C ASN B 65 -13.05 34.04 3.90
N PRO B 66 -14.00 34.06 4.86
CA PRO B 66 -15.21 33.25 4.72
C PRO B 66 -16.07 33.50 3.51
N GLU B 67 -16.22 34.78 3.13
CA GLU B 67 -17.07 35.18 2.03
C GLU B 67 -16.59 34.68 0.68
N ASN B 68 -15.28 34.52 0.50
CA ASN B 68 -14.69 34.14 -0.78
C ASN B 68 -14.08 32.72 -0.80
N THR B 69 -14.45 31.89 0.18
CA THR B 69 -14.01 30.52 0.25
C THR B 69 -15.22 29.64 0.00
N VAL B 70 -15.23 28.94 -1.12
CA VAL B 70 -16.34 28.12 -1.53
C VAL B 70 -16.08 26.66 -1.19
N PHE B 71 -17.13 25.99 -0.70
CA PHE B 71 -17.15 24.58 -0.34
C PHE B 71 -18.60 24.08 -0.53
N ASP B 72 -18.87 22.77 -0.40
CA ASP B 72 -20.23 22.23 -0.57
C ASP B 72 -20.83 22.44 -1.97
N ALA B 73 -20.01 22.71 -3.00
CA ALA B 73 -20.53 22.84 -4.37
C ALA B 73 -21.25 21.56 -4.81
N LYS B 74 -20.90 20.40 -4.23
CA LYS B 74 -21.59 19.14 -4.54
C LYS B 74 -23.08 19.18 -4.14
N ARG B 75 -23.42 19.99 -3.13
CA ARG B 75 -24.81 20.16 -2.73
C ARG B 75 -25.60 21.01 -3.76
N LEU B 76 -24.90 21.73 -4.65
CA LEU B 76 -25.53 22.60 -5.65
C LEU B 76 -25.43 22.06 -7.08
N ILE B 77 -24.43 21.23 -7.36
CA ILE B 77 -24.16 20.77 -8.72
C ILE B 77 -25.37 20.07 -9.37
N GLY B 78 -25.74 20.54 -10.54
CA GLY B 78 -26.87 19.99 -11.28
C GLY B 78 -28.25 20.34 -10.74
N ARG B 79 -28.31 21.25 -9.76
CA ARG B 79 -29.59 21.64 -9.17
C ARG B 79 -30.03 23.00 -9.69
N LYS B 80 -31.36 23.23 -9.70
CA LYS B 80 -31.92 24.54 -10.00
C LYS B 80 -31.89 25.30 -8.68
N PHE B 81 -31.60 26.60 -8.72
CA PHE B 81 -31.51 27.44 -7.55
C PHE B 81 -32.81 27.44 -6.75
N SER B 82 -33.96 27.27 -7.42
CA SER B 82 -35.27 27.27 -6.76
C SER B 82 -35.56 26.00 -5.96
N GLU B 83 -34.74 24.92 -6.12
CA GLU B 83 -34.97 23.67 -5.38
C GLU B 83 -34.98 23.91 -3.88
N THR B 84 -35.85 23.23 -3.13
CA THR B 84 -35.95 23.46 -1.69
C THR B 84 -34.64 23.11 -0.97
N THR B 85 -33.88 22.12 -1.47
CA THR B 85 -32.61 21.77 -0.84
C THR B 85 -31.63 22.95 -0.93
N VAL B 86 -31.58 23.65 -2.08
CA VAL B 86 -30.70 24.82 -2.29
C VAL B 86 -31.07 25.98 -1.38
N GLN B 87 -32.37 26.30 -1.30
CA GLN B 87 -32.90 27.38 -0.48
C GLN B 87 -32.60 27.16 1.00
N SER B 88 -32.68 25.90 1.44
CA SER B 88 -32.40 25.50 2.79
C SER B 88 -30.90 25.45 3.10
N ASP B 89 -30.11 24.81 2.22
CA ASP B 89 -28.68 24.65 2.40
C ASP B 89 -27.92 25.97 2.45
N MET B 90 -28.31 26.95 1.61
CA MET B 90 -27.60 28.22 1.48
C MET B 90 -27.55 29.09 2.73
N LYS B 91 -28.45 28.83 3.67
CA LYS B 91 -28.48 29.52 4.96
C LYS B 91 -27.24 29.19 5.82
N HIS B 92 -26.60 28.02 5.56
CA HIS B 92 -25.43 27.56 6.30
C HIS B 92 -24.09 27.91 5.63
N TRP B 93 -24.11 28.65 4.52
CA TRP B 93 -22.86 28.99 3.82
C TRP B 93 -22.51 30.44 3.99
N PRO B 94 -21.24 30.75 4.27
CA PRO B 94 -20.86 32.17 4.40
C PRO B 94 -20.74 32.89 3.06
N PHE B 95 -20.64 32.15 1.95
CA PHE B 95 -20.54 32.70 0.62
C PHE B 95 -21.95 32.93 0.04
N THR B 96 -22.05 33.84 -0.91
CA THR B 96 -23.32 34.17 -1.54
C THR B 96 -23.66 33.29 -2.74
N VAL B 97 -24.91 32.82 -2.81
CA VAL B 97 -25.41 32.04 -3.94
C VAL B 97 -26.71 32.69 -4.40
N LYS B 98 -26.81 33.00 -5.69
CA LYS B 98 -28.00 33.63 -6.31
C LYS B 98 -28.42 32.81 -7.54
N GLY B 99 -29.63 33.02 -8.02
CA GLY B 99 -30.12 32.31 -9.19
C GLY B 99 -29.92 33.10 -10.47
N GLY B 100 -29.44 32.40 -11.50
CA GLY B 100 -29.23 32.97 -12.81
C GLY B 100 -30.51 32.97 -13.61
N SER B 101 -30.51 33.61 -14.80
CA SER B 101 -31.72 33.67 -15.62
C SER B 101 -32.15 32.28 -16.11
N ASP B 102 -31.18 31.37 -16.29
CA ASP B 102 -31.43 29.97 -16.65
C ASP B 102 -31.84 29.10 -15.44
N GLY B 103 -31.96 29.70 -14.25
CA GLY B 103 -32.31 28.99 -13.02
C GLY B 103 -31.16 28.25 -12.35
N LYS B 104 -29.94 28.34 -12.90
CA LYS B 104 -28.80 27.68 -12.31
C LYS B 104 -28.23 28.53 -11.18
N PRO B 105 -27.71 27.87 -10.11
CA PRO B 105 -27.06 28.63 -9.03
C PRO B 105 -25.78 29.31 -9.54
N MET B 106 -25.53 30.51 -9.02
CA MET B 106 -24.35 31.30 -9.32
C MET B 106 -23.72 31.61 -7.97
N ILE B 107 -22.51 31.15 -7.75
CA ILE B 107 -21.76 31.40 -6.54
C ILE B 107 -21.00 32.69 -6.74
N GLU B 108 -21.20 33.68 -5.87
CA GLU B 108 -20.57 34.99 -5.99
C GLU B 108 -19.46 35.20 -5.01
N VAL B 109 -18.29 35.57 -5.52
CA VAL B 109 -17.10 35.84 -4.72
C VAL B 109 -16.40 37.11 -5.23
N SER B 110 -15.41 37.61 -4.51
CA SER B 110 -14.55 38.69 -4.94
C SER B 110 -13.18 38.03 -5.24
N TYR B 111 -12.62 38.31 -6.40
CA TYR B 111 -11.32 37.78 -6.82
C TYR B 111 -10.53 38.92 -7.47
N GLN B 112 -9.40 39.29 -6.85
CA GLN B 112 -8.58 40.40 -7.32
C GLN B 112 -9.35 41.71 -7.40
N GLY B 113 -10.15 42.00 -6.37
CA GLY B 113 -10.94 43.21 -6.28
C GLY B 113 -12.11 43.30 -7.22
N GLU B 114 -12.50 42.18 -7.83
CA GLU B 114 -13.62 42.16 -8.77
C GLU B 114 -14.66 41.11 -8.38
N LYS B 115 -15.95 41.44 -8.56
CA LYS B 115 -17.02 40.48 -8.32
C LYS B 115 -17.05 39.43 -9.43
N LYS B 116 -16.97 38.16 -9.07
CA LYS B 116 -17.00 37.03 -9.99
C LYS B 116 -18.15 36.08 -9.62
N THR B 117 -18.72 35.40 -10.61
CA THR B 117 -19.79 34.43 -10.39
C THR B 117 -19.40 33.11 -11.05
N PHE B 118 -19.73 31.99 -10.40
CA PHE B 118 -19.39 30.69 -10.91
C PHE B 118 -20.55 29.74 -10.78
N HIS B 119 -20.70 28.85 -11.74
CA HIS B 119 -21.68 27.79 -11.64
C HIS B 119 -21.06 26.71 -10.72
N PRO B 120 -21.89 25.90 -10.05
CA PRO B 120 -21.34 24.83 -9.19
C PRO B 120 -20.36 23.90 -9.91
N GLU B 121 -20.63 23.57 -11.20
CA GLU B 121 -19.74 22.69 -11.96
C GLU B 121 -18.38 23.35 -12.28
N GLU B 122 -18.32 24.69 -12.27
CA GLU B 122 -17.06 25.38 -12.45
C GLU B 122 -16.22 25.26 -11.18
N ILE B 123 -16.85 25.36 -10.00
CA ILE B 123 -16.14 25.19 -8.75
C ILE B 123 -15.64 23.73 -8.65
N SER B 124 -16.51 22.78 -8.98
CA SER B 124 -16.14 21.36 -8.97
C SER B 124 -15.05 21.04 -10.00
N SER B 125 -15.06 21.71 -11.16
CA SER B 125 -14.02 21.52 -12.18
C SER B 125 -12.64 21.93 -11.63
N MET B 126 -12.59 22.94 -10.74
CA MET B 126 -11.32 23.37 -10.16
C MET B 126 -10.81 22.32 -9.17
N VAL B 127 -11.71 21.67 -8.44
CA VAL B 127 -11.30 20.59 -7.52
C VAL B 127 -10.82 19.39 -8.38
N LEU B 128 -11.55 19.06 -9.45
CA LEU B 128 -11.16 17.97 -10.34
C LEU B 128 -9.80 18.23 -11.00
N LYS B 129 -9.55 19.48 -11.41
CA LYS B 129 -8.29 19.92 -12.02
C LYS B 129 -7.16 19.77 -11.01
N LYS B 130 -7.39 20.12 -9.74
CA LYS B 130 -6.40 19.91 -8.70
C LYS B 130 -6.10 18.40 -8.53
N MET B 131 -7.13 17.53 -8.54
CA MET B 131 -6.93 16.09 -8.38
C MET B 131 -6.16 15.50 -9.58
N LYS B 132 -6.47 15.99 -10.79
CA LYS B 132 -5.78 15.63 -12.03
C LYS B 132 -4.29 16.02 -11.88
N GLU B 133 -3.99 17.24 -11.37
CA GLU B 133 -2.62 17.72 -11.18
C GLU B 133 -1.88 16.95 -10.11
N VAL B 134 -2.57 16.51 -9.06
CA VAL B 134 -1.97 15.70 -8.02
C VAL B 134 -1.47 14.37 -8.65
N ALA B 135 -2.27 13.76 -9.52
CA ALA B 135 -1.90 12.52 -10.21
C ALA B 135 -0.76 12.78 -11.19
N GLU B 136 -0.83 13.90 -11.92
CA GLU B 136 0.18 14.29 -12.90
C GLU B 136 1.55 14.55 -12.28
N THR B 137 1.58 15.15 -11.09
CA THR B 137 2.84 15.40 -10.39
C THR B 137 3.47 14.08 -9.99
N TYR B 138 2.66 13.12 -9.55
CA TYR B 138 3.14 11.83 -9.12
C TYR B 138 3.66 11.04 -10.34
N LEU B 139 2.88 11.01 -11.42
CA LEU B 139 3.26 10.24 -12.61
C LEU B 139 4.36 10.89 -13.44
N GLY B 140 4.49 12.21 -13.35
CA GLY B 140 5.42 12.97 -14.17
C GLY B 140 4.99 13.02 -15.63
N LYS B 141 3.70 12.74 -15.90
CA LYS B 141 3.13 12.69 -17.25
C LYS B 141 1.68 13.22 -17.22
N PRO B 142 1.18 13.76 -18.34
CA PRO B 142 -0.22 14.21 -18.36
C PRO B 142 -1.19 13.05 -18.24
N VAL B 143 -2.36 13.30 -17.62
CA VAL B 143 -3.44 12.35 -17.40
C VAL B 143 -4.68 12.91 -18.09
N LYS B 144 -5.35 12.11 -18.92
CA LYS B 144 -6.55 12.58 -19.63
C LYS B 144 -7.80 11.84 -19.27
N ASN B 145 -7.72 10.54 -19.01
CA ASN B 145 -8.90 9.72 -18.75
C ASN B 145 -9.18 9.53 -17.28
N ALA B 146 -10.47 9.52 -16.91
CA ALA B 146 -10.87 9.40 -15.52
C ALA B 146 -12.23 8.79 -15.35
N VAL B 147 -12.43 8.11 -14.23
CA VAL B 147 -13.74 7.68 -13.79
C VAL B 147 -14.01 8.59 -12.57
N ILE B 148 -15.18 9.24 -12.54
CA ILE B 148 -15.57 10.09 -11.41
C ILE B 148 -16.82 9.46 -10.77
N THR B 149 -16.88 9.49 -9.45
CA THR B 149 -17.99 8.90 -8.71
C THR B 149 -18.99 9.97 -8.26
N VAL B 150 -20.24 9.56 -8.09
CA VAL B 150 -21.32 10.41 -7.59
C VAL B 150 -22.18 9.58 -6.63
N PRO B 151 -22.94 10.20 -5.71
CA PRO B 151 -23.86 9.42 -4.86
C PRO B 151 -24.89 8.68 -5.73
N ALA B 152 -25.35 7.52 -5.27
CA ALA B 152 -26.31 6.73 -6.03
C ALA B 152 -27.62 7.46 -6.27
N TYR B 153 -28.01 8.36 -5.37
CA TYR B 153 -29.26 9.09 -5.53
C TYR B 153 -29.14 10.27 -6.52
N PHE B 154 -27.94 10.56 -7.08
CA PHE B 154 -27.80 11.66 -8.03
C PHE B 154 -28.67 11.42 -9.27
N ASN B 155 -29.42 12.43 -9.70
CA ASN B 155 -30.29 12.34 -10.87
C ASN B 155 -29.48 12.62 -12.17
N ASP B 156 -30.12 12.56 -13.33
CA ASP B 156 -29.46 12.80 -14.62
C ASP B 156 -28.78 14.17 -14.67
N SER B 157 -29.43 15.21 -14.12
CA SER B 157 -28.87 16.56 -14.16
C SER B 157 -27.62 16.66 -13.32
N GLN B 158 -27.63 16.07 -12.12
CA GLN B 158 -26.48 16.10 -11.22
C GLN B 158 -25.31 15.30 -11.82
N ARG B 159 -25.62 14.16 -12.50
CA ARG B 159 -24.60 13.34 -13.14
C ARG B 159 -23.98 14.07 -14.33
N GLN B 160 -24.83 14.71 -15.16
CA GLN B 160 -24.37 15.44 -16.33
C GLN B 160 -23.51 16.63 -15.92
N ALA B 161 -23.90 17.36 -14.87
CA ALA B 161 -23.11 18.50 -14.40
C ALA B 161 -21.75 18.05 -13.84
N THR B 162 -21.71 16.88 -13.21
CA THR B 162 -20.45 16.32 -12.71
C THR B 162 -19.55 15.95 -13.89
N LYS B 163 -20.13 15.38 -14.96
CA LYS B 163 -19.40 15.02 -16.17
C LYS B 163 -18.85 16.30 -16.82
N ASP B 164 -19.68 17.36 -16.90
CA ASP B 164 -19.29 18.67 -17.44
C ASP B 164 -18.14 19.24 -16.66
N ALA B 165 -18.18 19.15 -15.32
CA ALA B 165 -17.08 19.59 -14.46
C ALA B 165 -15.77 18.87 -14.86
N GLY B 166 -15.86 17.57 -15.17
CA GLY B 166 -14.71 16.79 -15.62
C GLY B 166 -14.18 17.30 -16.95
N ALA B 167 -15.08 17.54 -17.94
CA ALA B 167 -14.69 18.08 -19.24
C ALA B 167 -14.04 19.44 -19.10
N ILE B 168 -14.58 20.33 -18.26
CA ILE B 168 -13.99 21.65 -18.01
C ILE B 168 -12.58 21.51 -17.41
N ALA B 169 -12.38 20.49 -16.55
CA ALA B 169 -11.08 20.23 -15.94
C ALA B 169 -10.04 19.60 -16.92
N GLY B 170 -10.46 19.27 -18.13
CA GLY B 170 -9.58 18.67 -19.14
C GLY B 170 -9.53 17.17 -19.09
N LEU B 171 -10.55 16.55 -18.51
CA LEU B 171 -10.62 15.11 -18.37
C LEU B 171 -11.57 14.53 -19.36
N ASN B 172 -11.25 13.34 -19.84
CA ASN B 172 -12.13 12.58 -20.69
C ASN B 172 -12.77 11.65 -19.68
N VAL B 173 -14.03 11.89 -19.37
CA VAL B 173 -14.73 11.09 -18.37
C VAL B 173 -15.18 9.79 -18.98
N LEU B 174 -14.43 8.71 -18.69
CA LEU B 174 -14.79 7.39 -19.22
C LEU B 174 -16.13 6.96 -18.74
N ARG B 175 -16.48 7.29 -17.49
CA ARG B 175 -17.75 6.91 -16.90
C ARG B 175 -17.95 7.61 -15.56
N ILE B 176 -19.22 7.88 -15.23
CA ILE B 176 -19.66 8.35 -13.94
C ILE B 176 -20.22 7.08 -13.27
N ILE B 177 -19.70 6.71 -12.09
CA ILE B 177 -20.23 5.51 -11.40
C ILE B 177 -20.70 5.91 -10.01
N ASN B 178 -21.53 5.09 -9.40
CA ASN B 178 -22.04 5.34 -8.06
C ASN B 178 -20.98 5.09 -7.01
N GLU B 179 -20.93 5.95 -5.98
CA GLU B 179 -20.02 5.83 -4.85
C GLU B 179 -20.12 4.49 -4.14
N PRO B 180 -21.34 4.00 -3.79
CA PRO B 180 -21.41 2.70 -3.10
C PRO B 180 -20.89 1.56 -3.97
N THR B 181 -21.15 1.61 -5.29
CA THR B 181 -20.68 0.61 -6.23
C THR B 181 -19.15 0.66 -6.30
N ALA B 182 -18.56 1.86 -6.33
CA ALA B 182 -17.10 2.03 -6.33
C ALA B 182 -16.49 1.37 -5.08
N ALA B 183 -17.11 1.54 -3.90
CA ALA B 183 -16.63 0.95 -2.68
C ALA B 183 -16.66 -0.57 -2.74
N ALA B 184 -17.74 -1.15 -3.33
CA ALA B 184 -17.87 -2.60 -3.46
C ALA B 184 -16.83 -3.15 -4.44
N ILE B 185 -16.58 -2.43 -5.53
CA ILE B 185 -15.54 -2.76 -6.51
C ILE B 185 -14.15 -2.75 -5.85
N ALA B 186 -13.88 -1.79 -4.95
CA ALA B 186 -12.60 -1.72 -4.23
C ALA B 186 -12.30 -3.01 -3.48
N TYR B 187 -13.32 -3.62 -2.89
CA TYR B 187 -13.13 -4.84 -2.13
C TYR B 187 -13.17 -6.13 -2.97
N GLY B 188 -13.27 -5.99 -4.29
CA GLY B 188 -13.34 -7.12 -5.21
C GLY B 188 -14.54 -8.01 -4.95
N LEU B 189 -15.64 -7.42 -4.45
CA LEU B 189 -16.83 -8.22 -4.12
C LEU B 189 -17.53 -8.76 -5.37
N ASP B 190 -17.27 -8.18 -6.54
CA ASP B 190 -17.77 -8.67 -7.82
C ASP B 190 -16.95 -9.90 -8.29
N LYS B 191 -15.68 -10.00 -7.91
CA LYS B 191 -14.83 -11.10 -8.33
C LYS B 191 -14.76 -12.23 -7.29
N LYS B 192 -15.89 -12.53 -6.65
CA LYS B 192 -15.99 -13.62 -5.67
C LYS B 192 -17.11 -14.58 -6.11
N GLY B 193 -16.77 -15.85 -6.28
CA GLY B 193 -17.73 -16.83 -6.76
C GLY B 193 -18.69 -17.34 -5.69
N LYS B 194 -19.45 -16.42 -5.09
CA LYS B 194 -20.41 -16.81 -4.05
C LYS B 194 -21.86 -16.99 -4.56
N GLY B 195 -22.14 -16.47 -5.76
CA GLY B 195 -23.46 -16.46 -6.37
C GLY B 195 -23.98 -15.05 -6.31
N GLU B 196 -25.24 -14.88 -5.90
CA GLU B 196 -25.82 -13.54 -5.71
C GLU B 196 -25.30 -12.99 -4.37
N GLN B 197 -25.02 -11.71 -4.26
CA GLN B 197 -24.48 -11.16 -3.03
C GLN B 197 -25.20 -9.90 -2.66
N ASN B 198 -25.58 -9.77 -1.39
CA ASN B 198 -26.23 -8.58 -0.85
C ASN B 198 -25.19 -7.83 -0.04
N ILE B 199 -24.77 -6.65 -0.54
CA ILE B 199 -23.73 -5.82 0.07
C ILE B 199 -24.29 -4.54 0.67
N LEU B 200 -24.09 -4.30 1.96
CA LEU B 200 -24.50 -3.04 2.57
C LEU B 200 -23.30 -2.10 2.67
N ILE B 201 -23.40 -0.91 2.05
CA ILE B 201 -22.35 0.12 2.10
C ILE B 201 -22.80 1.14 3.15
N PHE B 202 -22.02 1.32 4.21
CA PHE B 202 -22.32 2.25 5.30
C PHE B 202 -21.29 3.35 5.13
N ASP B 203 -21.74 4.50 4.60
CA ASP B 203 -20.85 5.60 4.27
C ASP B 203 -21.13 6.84 5.13
N LEU B 204 -20.30 7.10 6.13
CA LEU B 204 -20.48 8.25 7.00
C LEU B 204 -19.28 9.20 6.86
N GLY B 205 -19.48 10.29 6.11
CA GLY B 205 -18.43 11.27 5.88
C GLY B 205 -18.45 12.45 6.83
N GLY B 206 -18.15 13.62 6.29
CA GLY B 206 -18.08 14.85 7.07
C GLY B 206 -19.40 15.57 7.14
N GLY B 207 -20.14 15.56 6.03
CA GLY B 207 -21.42 16.24 5.98
C GLY B 207 -22.62 15.38 5.67
N THR B 208 -22.42 14.17 5.11
CA THR B 208 -23.52 13.28 4.73
C THR B 208 -23.35 11.84 5.23
N PHE B 209 -24.47 11.12 5.31
CA PHE B 209 -24.53 9.74 5.70
C PHE B 209 -25.35 9.04 4.64
N ASP B 210 -24.77 8.06 3.97
CA ASP B 210 -25.44 7.28 2.93
C ASP B 210 -25.33 5.79 3.22
N VAL B 211 -26.45 5.10 3.20
CA VAL B 211 -26.49 3.66 3.33
C VAL B 211 -27.07 3.14 2.03
N SER B 212 -26.41 2.17 1.41
CA SER B 212 -26.87 1.63 0.14
C SER B 212 -26.80 0.12 0.20
N LEU B 213 -27.88 -0.54 -0.22
CA LEU B 213 -27.91 -1.99 -0.30
C LEU B 213 -27.80 -2.32 -1.80
N LEU B 214 -26.76 -3.08 -2.15
CA LEU B 214 -26.48 -3.48 -3.52
C LEU B 214 -26.65 -4.99 -3.66
N THR B 215 -26.92 -5.44 -4.88
CA THR B 215 -27.02 -6.85 -5.23
C THR B 215 -26.11 -7.11 -6.45
N LEU B 216 -25.60 -8.34 -6.59
CA LEU B 216 -24.70 -8.73 -7.69
C LEU B 216 -25.33 -9.77 -8.63
N GLU B 217 -25.80 -9.37 -9.83
CA GLU B 217 -26.34 -10.35 -10.78
C GLU B 217 -25.30 -10.59 -11.89
N ASP B 218 -24.53 -11.70 -11.78
CA ASP B 218 -23.47 -12.08 -12.73
C ASP B 218 -22.39 -10.99 -12.91
N GLY B 219 -21.72 -10.62 -11.83
CA GLY B 219 -20.67 -9.62 -11.85
C GLY B 219 -21.14 -8.20 -12.07
N ILE B 220 -22.45 -7.99 -12.14
CA ILE B 220 -23.03 -6.67 -12.35
C ILE B 220 -23.71 -6.22 -11.07
N PHE B 221 -23.44 -5.00 -10.64
CA PHE B 221 -24.04 -4.46 -9.43
C PHE B 221 -25.36 -3.78 -9.76
N GLU B 222 -26.30 -3.81 -8.82
CA GLU B 222 -27.56 -3.09 -8.92
C GLU B 222 -27.80 -2.44 -7.56
N VAL B 223 -28.19 -1.16 -7.55
CA VAL B 223 -28.52 -0.45 -6.31
C VAL B 223 -29.98 -0.75 -6.01
N LYS B 224 -30.24 -1.57 -4.99
CA LYS B 224 -31.60 -1.98 -4.67
C LYS B 224 -32.32 -0.99 -3.76
N ALA B 225 -31.58 -0.37 -2.83
CA ALA B 225 -32.19 0.58 -1.90
C ALA B 225 -31.15 1.52 -1.33
N THR B 226 -31.53 2.77 -1.13
CA THR B 226 -30.64 3.76 -0.51
C THR B 226 -31.41 4.54 0.54
N SER B 227 -30.72 4.99 1.55
CA SER B 227 -31.29 5.83 2.60
C SER B 227 -30.13 6.52 3.31
N GLY B 228 -30.41 7.33 4.31
CA GLY B 228 -29.37 8.04 5.04
C GLY B 228 -29.87 9.35 5.56
N ASP B 229 -28.97 10.32 5.65
CA ASP B 229 -29.29 11.65 6.12
C ASP B 229 -28.26 12.57 5.48
N THR B 230 -28.71 13.44 4.57
CA THR B 230 -27.84 14.39 3.87
C THR B 230 -27.21 15.44 4.79
N HIS B 231 -27.59 15.47 6.09
CA HIS B 231 -27.02 16.42 7.04
C HIS B 231 -26.60 15.75 8.35
N LEU B 232 -26.00 14.57 8.24
CA LEU B 232 -25.44 13.84 9.39
C LEU B 232 -24.07 13.39 8.99
N GLY B 233 -23.07 13.85 9.72
CA GLY B 233 -21.68 13.50 9.46
C GLY B 233 -20.78 13.90 10.60
N GLY B 234 -19.47 13.82 10.36
CA GLY B 234 -18.47 14.18 11.35
C GLY B 234 -18.59 15.59 11.89
N GLU B 235 -19.02 16.55 11.04
CA GLU B 235 -19.16 17.94 11.51
C GLU B 235 -20.23 18.08 12.62
N ASP B 236 -21.22 17.18 12.64
CA ASP B 236 -22.25 17.16 13.68
C ASP B 236 -21.69 16.62 15.02
N PHE B 237 -20.70 15.73 14.95
CA PHE B 237 -20.03 15.21 16.15
C PHE B 237 -19.08 16.28 16.69
N ASP B 238 -18.46 17.10 15.80
CA ASP B 238 -17.61 18.22 16.20
C ASP B 238 -18.48 19.24 16.97
N ASN B 239 -19.71 19.51 16.47
CA ASN B 239 -20.65 20.44 17.09
C ASN B 239 -21.03 20.01 18.50
N LYS B 240 -21.10 18.69 18.75
CA LYS B 240 -21.39 18.18 20.10
C LYS B 240 -20.23 18.49 21.04
N LEU B 241 -18.98 18.44 20.55
CA LEU B 241 -17.81 18.76 21.36
C LEU B 241 -17.76 20.28 21.60
N VAL B 242 -18.06 21.09 20.56
CA VAL B 242 -18.08 22.55 20.67
C VAL B 242 -19.08 22.98 21.74
N ASN B 243 -20.35 22.52 21.65
CA ASN B 243 -21.40 22.85 22.62
C ASN B 243 -20.98 22.49 24.05
N PHE B 244 -20.33 21.34 24.23
CA PHE B 244 -19.86 20.93 25.55
C PHE B 244 -18.79 21.91 26.08
N CYS B 245 -17.81 22.25 25.24
CA CYS B 245 -16.70 23.14 25.60
C CYS B 245 -17.18 24.54 25.92
N VAL B 246 -18.20 25.04 25.18
CA VAL B 246 -18.80 26.35 25.41
C VAL B 246 -19.39 26.38 26.82
N GLN B 247 -20.10 25.32 27.22
CA GLN B 247 -20.69 25.20 28.54
C GLN B 247 -19.66 24.98 29.64
N ASP B 248 -18.57 24.26 29.31
CA ASP B 248 -17.48 24.01 30.23
C ASP B 248 -16.71 25.30 30.53
N PHE B 249 -16.53 26.15 29.50
CA PHE B 249 -15.86 27.44 29.64
C PHE B 249 -16.70 28.33 30.57
N LYS B 250 -18.03 28.31 30.43
CA LYS B 250 -18.97 29.05 31.27
C LYS B 250 -18.78 28.67 32.73
N LYS B 251 -18.76 27.36 33.03
CA LYS B 251 -18.60 26.89 34.41
C LYS B 251 -17.24 27.23 35.00
N LYS B 252 -16.21 27.37 34.17
CA LYS B 252 -14.87 27.68 34.62
C LYS B 252 -14.61 29.18 34.79
N ASN B 253 -15.25 30.00 33.94
CA ASN B 253 -14.99 31.43 33.87
C ASN B 253 -16.23 32.30 34.06
N ASP B 257 -19.50 33.66 27.69
CA ASP B 257 -20.09 32.86 26.63
C ASP B 257 -19.29 32.97 25.34
N VAL B 258 -18.50 31.94 25.00
CA VAL B 258 -17.67 31.85 23.80
C VAL B 258 -18.50 31.95 22.50
N SER B 259 -19.76 31.48 22.54
CA SER B 259 -20.64 31.48 21.39
C SER B 259 -20.99 32.87 20.86
N LYS B 260 -20.78 33.93 21.67
CA LYS B 260 -21.01 35.32 21.24
C LYS B 260 -19.95 35.79 20.19
N ASN B 261 -18.80 35.10 20.11
CA ASN B 261 -17.72 35.44 19.20
C ASN B 261 -17.59 34.30 18.18
N SER B 262 -17.89 34.58 16.91
CA SER B 262 -17.82 33.56 15.85
C SER B 262 -16.40 33.08 15.57
N LYS B 263 -15.40 33.94 15.77
CA LYS B 263 -14.00 33.55 15.58
C LYS B 263 -13.58 32.61 16.71
N SER B 264 -14.04 32.86 17.95
CA SER B 264 -13.75 31.99 19.08
C SER B 264 -14.37 30.59 18.85
N LEU B 265 -15.58 30.54 18.27
CA LEU B 265 -16.23 29.28 17.98
C LEU B 265 -15.47 28.50 16.91
N ARG B 266 -15.02 29.16 15.83
CA ARG B 266 -14.29 28.53 14.74
C ARG B 266 -12.98 27.94 15.21
N ARG B 267 -12.24 28.66 16.05
CA ARG B 267 -10.98 28.19 16.61
C ARG B 267 -11.21 26.98 17.51
N LEU B 268 -12.30 27.02 18.30
CA LEU B 268 -12.66 25.92 19.20
C LEU B 268 -13.08 24.69 18.39
N ARG B 269 -13.83 24.90 17.30
CA ARG B 269 -14.27 23.83 16.41
C ARG B 269 -13.08 23.11 15.79
N THR B 270 -12.05 23.86 15.35
CA THR B 270 -10.84 23.29 14.77
C THR B 270 -10.17 22.33 15.74
N GLN B 271 -10.06 22.72 17.00
CA GLN B 271 -9.46 21.88 18.03
C GLN B 271 -10.35 20.71 18.44
N CYS B 272 -11.69 20.85 18.32
CA CYS B 272 -12.63 19.78 18.68
C CYS B 272 -12.54 18.66 17.65
N GLU B 273 -12.44 19.02 16.36
CA GLU B 273 -12.31 18.00 15.33
C GLU B 273 -10.98 17.26 15.46
N LYS B 274 -9.90 17.95 15.87
CA LYS B 274 -8.61 17.30 16.08
C LYS B 274 -8.72 16.27 17.19
N ALA B 275 -9.31 16.65 18.33
CA ALA B 275 -9.50 15.75 19.48
C ALA B 275 -10.35 14.54 19.12
N LYS B 276 -11.41 14.75 18.31
CA LYS B 276 -12.30 13.69 17.83
C LYS B 276 -11.48 12.61 17.10
N ARG B 277 -10.59 13.03 16.18
CA ARG B 277 -9.76 12.10 15.43
C ARG B 277 -8.85 11.29 16.35
N VAL B 278 -8.23 11.95 17.34
CA VAL B 278 -7.35 11.30 18.32
C VAL B 278 -8.12 10.22 19.09
N LEU B 279 -9.37 10.53 19.48
CA LEU B 279 -10.24 9.62 20.23
C LEU B 279 -10.60 8.34 19.47
N SER B 280 -10.35 8.27 18.14
CA SER B 280 -10.56 7.05 17.39
C SER B 280 -9.43 6.01 17.65
N SER B 281 -8.26 6.45 18.15
CA SER B 281 -7.17 5.52 18.47
C SER B 281 -6.63 5.66 19.90
N SER B 282 -7.09 6.66 20.66
CA SER B 282 -6.68 6.83 22.07
C SER B 282 -7.91 6.92 22.99
N ALA B 283 -7.71 6.66 24.28
CA ALA B 283 -8.82 6.70 25.24
C ALA B 283 -9.17 8.12 25.72
N GLN B 284 -8.27 9.09 25.46
CA GLN B 284 -8.37 10.47 25.91
C GLN B 284 -7.72 11.40 24.91
N ALA B 285 -8.13 12.64 24.92
CA ALA B 285 -7.58 13.69 24.07
C ALA B 285 -7.73 15.03 24.76
N THR B 286 -6.88 15.99 24.43
CA THR B 286 -6.94 17.32 25.02
C THR B 286 -7.41 18.33 23.99
N ILE B 287 -8.39 19.17 24.36
CA ILE B 287 -8.86 20.27 23.54
C ILE B 287 -8.24 21.51 24.18
N GLU B 288 -7.44 22.24 23.41
CA GLU B 288 -6.75 23.40 23.95
C GLU B 288 -6.77 24.58 22.97
N VAL B 289 -7.22 25.76 23.44
CA VAL B 289 -7.23 26.99 22.67
C VAL B 289 -6.67 28.10 23.55
N ASP B 290 -5.48 28.59 23.20
CA ASP B 290 -4.86 29.68 23.96
C ASP B 290 -5.59 30.97 23.59
N SER B 291 -5.90 31.81 24.61
CA SER B 291 -6.62 33.09 24.46
C SER B 291 -7.87 32.91 23.59
N LEU B 292 -8.77 32.04 24.04
CA LEU B 292 -9.98 31.68 23.32
C LEU B 292 -11.00 32.83 23.25
N PHE B 293 -11.34 33.41 24.42
CA PHE B 293 -12.30 34.51 24.56
C PHE B 293 -11.84 35.34 25.74
N ASP B 294 -11.81 36.66 25.59
CA ASP B 294 -11.38 37.61 26.63
C ASP B 294 -9.98 37.33 27.18
N GLY B 295 -9.09 36.90 26.30
CA GLY B 295 -7.72 36.56 26.64
C GLY B 295 -7.58 35.39 27.60
N ILE B 296 -8.65 34.59 27.77
CA ILE B 296 -8.63 33.45 28.66
C ILE B 296 -8.24 32.19 27.92
N ASP B 297 -7.26 31.44 28.45
CA ASP B 297 -6.82 30.19 27.86
C ASP B 297 -7.85 29.11 28.20
N TYR B 298 -8.07 28.19 27.26
CA TYR B 298 -9.01 27.09 27.47
C TYR B 298 -8.32 25.76 27.27
N ASN B 299 -8.56 24.84 28.20
CA ASN B 299 -7.99 23.51 28.18
C ASN B 299 -8.98 22.56 28.83
N VAL B 300 -9.20 21.39 28.21
CA VAL B 300 -10.08 20.36 28.75
C VAL B 300 -9.64 18.99 28.26
N ASN B 301 -9.83 17.95 29.08
CA ASN B 301 -9.51 16.60 28.67
C ASN B 301 -10.83 15.88 28.38
N ILE B 302 -10.95 15.29 27.19
CA ILE B 302 -12.14 14.56 26.77
C ILE B 302 -11.81 13.08 26.65
N THR B 303 -12.50 12.24 27.43
CA THR B 303 -12.32 10.80 27.32
C THR B 303 -13.16 10.32 26.13
N ARG B 304 -12.82 9.15 25.57
CA ARG B 304 -13.60 8.55 24.50
C ARG B 304 -15.04 8.28 25.00
N ALA B 305 -15.20 7.92 26.29
CA ALA B 305 -16.49 7.68 26.92
C ALA B 305 -17.36 8.95 26.91
N LYS B 306 -16.77 10.13 27.18
CA LYS B 306 -17.54 11.38 27.18
C LYS B 306 -17.97 11.75 25.78
N PHE B 307 -17.10 11.54 24.78
CA PHE B 307 -17.41 11.80 23.39
C PHE B 307 -18.56 10.89 22.93
N GLU B 308 -18.49 9.60 23.29
CA GLU B 308 -19.53 8.62 23.00
C GLU B 308 -20.87 8.99 23.64
N GLU B 309 -20.83 9.57 24.83
CA GLU B 309 -22.01 9.99 25.56
C GLU B 309 -22.66 11.20 24.85
N LEU B 310 -21.87 12.21 24.49
CA LEU B 310 -22.39 13.40 23.81
C LEU B 310 -23.03 13.06 22.47
N CYS B 311 -22.51 12.03 21.78
CA CYS B 311 -22.96 11.63 20.45
C CYS B 311 -23.83 10.38 20.43
N MET B 312 -24.16 9.81 21.60
CA MET B 312 -24.90 8.57 21.81
C MET B 312 -26.10 8.38 20.90
N ASP B 313 -27.00 9.38 20.86
CA ASP B 313 -28.20 9.31 20.04
C ASP B 313 -27.87 9.35 18.56
N GLN B 314 -26.98 10.26 18.15
CA GLN B 314 -26.59 10.38 16.74
C GLN B 314 -25.91 9.11 16.22
N PHE B 315 -25.09 8.47 17.06
CA PHE B 315 -24.39 7.24 16.69
C PHE B 315 -25.39 6.10 16.51
N ARG B 316 -26.27 5.92 17.50
CA ARG B 316 -27.29 4.86 17.48
C ARG B 316 -28.24 5.06 16.31
N ASN B 317 -28.62 6.32 16.01
CA ASN B 317 -29.56 6.61 14.93
C ASN B 317 -28.99 6.33 13.53
N THR B 318 -27.66 6.07 13.41
CA THR B 318 -27.11 5.65 12.11
C THR B 318 -27.69 4.30 11.68
N LEU B 319 -28.21 3.49 12.64
CA LEU B 319 -28.81 2.22 12.33
C LEU B 319 -30.22 2.36 11.74
N ILE B 320 -30.90 3.51 11.92
CA ILE B 320 -32.25 3.71 11.37
C ILE B 320 -32.25 3.59 9.85
N PRO B 321 -31.37 4.32 9.11
CA PRO B 321 -31.30 4.12 7.66
C PRO B 321 -30.84 2.71 7.24
N VAL B 322 -30.12 1.99 8.10
CA VAL B 322 -29.72 0.61 7.81
C VAL B 322 -30.98 -0.26 7.82
N GLU B 323 -31.82 -0.10 8.85
CA GLU B 323 -33.09 -0.82 8.93
C GLU B 323 -34.01 -0.46 7.76
N LYS B 324 -34.01 0.82 7.36
CA LYS B 324 -34.83 1.28 6.26
C LYS B 324 -34.45 0.67 4.91
N VAL B 325 -33.14 0.60 4.56
CA VAL B 325 -32.73 -0.01 3.28
C VAL B 325 -33.06 -1.49 3.26
N LEU B 326 -32.94 -2.18 4.41
CA LEU B 326 -33.25 -3.60 4.48
C LEU B 326 -34.74 -3.81 4.24
N LYS B 327 -35.57 -2.95 4.86
CA LYS B 327 -37.03 -2.98 4.68
C LYS B 327 -37.38 -2.72 3.20
N ASP B 328 -36.84 -1.63 2.60
CA ASP B 328 -37.09 -1.31 1.18
C ASP B 328 -36.67 -2.42 0.25
N ALA B 329 -35.52 -3.06 0.50
CA ALA B 329 -35.07 -4.17 -0.33
C ALA B 329 -35.75 -5.49 0.00
N LYS B 330 -36.64 -5.51 1.00
CA LYS B 330 -37.37 -6.68 1.42
C LYS B 330 -36.42 -7.80 1.84
N MET B 331 -35.46 -7.49 2.73
CA MET B 331 -34.55 -8.53 3.22
C MET B 331 -34.19 -8.36 4.69
N ASP B 332 -33.83 -9.49 5.34
CA ASP B 332 -33.39 -9.54 6.73
C ASP B 332 -31.89 -9.16 6.83
N LYS B 333 -31.46 -8.65 7.99
CA LYS B 333 -30.05 -8.29 8.19
C LYS B 333 -29.12 -9.51 8.05
N SER B 334 -29.63 -10.72 8.37
CA SER B 334 -28.89 -11.97 8.22
C SER B 334 -28.55 -12.32 6.77
N GLN B 335 -29.20 -11.65 5.81
CA GLN B 335 -28.95 -11.89 4.39
C GLN B 335 -27.84 -11.04 3.80
N VAL B 336 -27.29 -10.10 4.58
CA VAL B 336 -26.21 -9.24 4.13
C VAL B 336 -24.90 -10.03 4.20
N HIS B 337 -24.24 -10.19 3.03
CA HIS B 337 -23.00 -10.95 2.90
C HIS B 337 -21.80 -10.15 3.34
N GLU B 338 -21.78 -8.84 3.05
CA GLU B 338 -20.67 -7.96 3.42
C GLU B 338 -21.20 -6.60 3.83
N ILE B 339 -20.60 -6.01 4.88
CA ILE B 339 -20.87 -4.64 5.34
C ILE B 339 -19.60 -3.86 5.09
N VAL B 340 -19.61 -2.90 4.17
CA VAL B 340 -18.42 -2.13 3.85
C VAL B 340 -18.45 -0.75 4.52
N LEU B 341 -17.43 -0.43 5.33
CA LEU B 341 -17.34 0.86 5.98
C LEU B 341 -16.59 1.85 5.07
N VAL B 342 -17.28 2.94 4.71
CA VAL B 342 -16.80 4.01 3.84
C VAL B 342 -16.98 5.36 4.58
N GLY B 343 -16.12 6.33 4.30
CA GLY B 343 -16.19 7.64 4.92
C GLY B 343 -15.32 7.74 6.16
N GLY B 344 -14.72 8.89 6.34
CA GLY B 344 -13.81 9.13 7.45
C GLY B 344 -14.37 8.91 8.83
N SER B 345 -15.67 9.16 9.03
CA SER B 345 -16.30 8.98 10.35
C SER B 345 -16.47 7.51 10.77
N THR B 346 -16.36 6.55 9.82
CA THR B 346 -16.43 5.13 10.18
C THR B 346 -15.19 4.65 10.96
N ARG B 347 -14.18 5.53 11.16
CA ARG B 347 -13.05 5.22 11.99
C ARG B 347 -13.42 5.29 13.49
N ILE B 348 -14.57 5.91 13.86
CA ILE B 348 -15.00 6.02 15.25
C ILE B 348 -15.31 4.63 15.78
N PRO B 349 -14.59 4.16 16.80
CA PRO B 349 -14.82 2.80 17.30
C PRO B 349 -16.26 2.48 17.69
N LYS B 350 -16.98 3.43 18.32
CA LYS B 350 -18.36 3.20 18.75
C LYS B 350 -19.26 2.91 17.56
N ILE B 351 -19.02 3.59 16.43
CA ILE B 351 -19.82 3.35 15.22
C ILE B 351 -19.56 1.95 14.71
N GLN B 352 -18.29 1.51 14.68
CA GLN B 352 -17.93 0.18 14.23
C GLN B 352 -18.57 -0.88 15.12
N GLN B 353 -18.58 -0.66 16.44
CA GLN B 353 -19.19 -1.59 17.40
C GLN B 353 -20.72 -1.65 17.22
N LEU B 354 -21.37 -0.50 17.03
CA LEU B 354 -22.82 -0.46 16.82
C LEU B 354 -23.25 -1.26 15.58
N ILE B 355 -22.51 -1.10 14.47
CA ILE B 355 -22.78 -1.81 13.21
C ILE B 355 -22.55 -3.30 13.39
N LYS B 356 -21.43 -3.68 14.03
CA LYS B 356 -21.08 -5.08 14.24
C LYS B 356 -22.13 -5.76 15.09
N ASP B 357 -22.58 -5.10 16.16
CA ASP B 357 -23.61 -5.63 17.05
C ASP B 357 -24.94 -5.77 16.32
N PHE B 358 -25.29 -4.74 15.49
CA PHE B 358 -26.52 -4.80 14.69
C PHE B 358 -26.52 -6.04 13.77
N PHE B 359 -25.37 -6.32 13.14
CA PHE B 359 -25.25 -7.48 12.26
C PHE B 359 -24.81 -8.76 13.01
N ASN B 360 -25.16 -8.85 14.29
CA ASN B 360 -24.92 -10.01 15.13
C ASN B 360 -23.47 -10.50 15.12
N GLY B 361 -22.54 -9.58 15.27
CA GLY B 361 -21.12 -9.93 15.39
C GLY B 361 -20.35 -10.10 14.11
N LYS B 362 -20.97 -9.80 12.97
CA LYS B 362 -20.31 -9.94 11.67
C LYS B 362 -19.30 -8.83 11.52
N GLU B 363 -18.05 -9.18 11.16
CA GLU B 363 -17.00 -8.20 10.97
C GLU B 363 -17.19 -7.40 9.70
N PRO B 364 -17.21 -6.06 9.78
CA PRO B 364 -17.34 -5.27 8.56
C PRO B 364 -16.04 -5.24 7.77
N LYS B 366 -13.28 -3.24 6.41
CA LYS B 366 -12.69 -1.93 6.66
C LYS B 366 -11.17 -1.89 6.41
N ALA B 367 -10.62 -2.88 5.69
CA ALA B 367 -9.20 -2.98 5.39
C ALA B 367 -8.71 -1.80 4.57
N ILE B 368 -9.53 -1.28 3.66
CA ILE B 368 -9.17 -0.10 2.88
C ILE B 368 -9.51 1.16 3.68
N ASN B 369 -8.59 2.15 3.78
CA ASN B 369 -8.81 3.45 4.47
C ASN B 369 -10.17 3.99 4.03
N PRO B 370 -11.13 4.15 4.95
CA PRO B 370 -12.53 4.39 4.52
C PRO B 370 -12.76 5.63 3.68
N ASP B 371 -11.93 6.64 3.87
CA ASP B 371 -12.00 7.85 3.07
C ASP B 371 -11.28 7.72 1.70
N GLU B 372 -10.71 6.53 1.40
CA GLU B 372 -10.04 6.22 0.14
C GLU B 372 -10.74 5.12 -0.67
N ALA B 373 -11.65 4.35 -0.06
CA ALA B 373 -12.32 3.24 -0.74
C ALA B 373 -13.05 3.59 -2.03
N VAL B 374 -13.71 4.75 -2.08
CA VAL B 374 -14.45 5.15 -3.27
C VAL B 374 -13.48 5.49 -4.42
N ALA B 375 -12.41 6.28 -4.15
CA ALA B 375 -11.40 6.54 -5.17
C ALA B 375 -10.70 5.27 -5.59
N TYR B 376 -10.49 4.33 -4.65
CA TYR B 376 -9.83 3.05 -4.90
C TYR B 376 -10.65 2.26 -5.95
N GLY B 377 -11.94 2.08 -5.70
CA GLY B 377 -12.83 1.41 -6.63
C GLY B 377 -12.93 2.13 -7.96
N ALA B 378 -12.97 3.46 -7.96
CA ALA B 378 -13.02 4.23 -9.19
C ALA B 378 -11.74 4.04 -10.01
N ALA B 379 -10.58 3.91 -9.34
CA ALA B 379 -9.30 3.70 -10.01
C ALA B 379 -9.28 2.31 -10.65
N VAL B 380 -9.84 1.29 -9.98
CA VAL B 380 -9.93 -0.06 -10.52
C VAL B 380 -10.80 0.00 -11.79
N GLN B 381 -11.99 0.63 -11.70
CA GLN B 381 -12.91 0.75 -12.83
C GLN B 381 -12.26 1.53 -13.98
N ALA B 382 -11.49 2.57 -13.68
CA ALA B 382 -10.81 3.35 -14.72
C ALA B 382 -9.78 2.50 -15.48
N ALA B 383 -9.08 1.59 -14.76
CA ALA B 383 -8.09 0.73 -15.38
C ALA B 383 -8.79 -0.30 -16.27
N ILE B 384 -9.90 -0.89 -15.78
CA ILE B 384 -10.69 -1.86 -16.55
C ILE B 384 -11.20 -1.20 -17.83
N LEU B 385 -11.81 -0.01 -17.72
CA LEU B 385 -12.31 0.72 -18.89
C LEU B 385 -11.22 1.21 -19.85
N SER B 386 -9.96 1.14 -19.45
CA SER B 386 -8.84 1.48 -20.33
C SER B 386 -8.24 0.22 -21.00
N GLY B 387 -8.79 -0.97 -20.75
CA GLY B 387 -8.28 -2.21 -21.31
C GLY B 387 -7.26 -2.94 -20.47
N ASP B 388 -7.01 -2.47 -19.23
CA ASP B 388 -6.06 -3.12 -18.33
C ASP B 388 -6.80 -4.17 -17.47
#